data_1R8G
#
_entry.id   1R8G
#
_cell.length_a   49.47
_cell.length_b   100.32
_cell.length_c   71.37
_cell.angle_alpha   90.00
_cell.angle_beta   99.94
_cell.angle_gamma   90.00
#
_symmetry.space_group_name_H-M   'P 1 21 1'
#
loop_
_entity.id
_entity.type
_entity.pdbx_description
1 polymer 'Hypothetical protein ybdK'
2 water water
#
_entity_poly.entity_id   1
_entity_poly.type   'polypeptide(L)'
_entity_poly.pdbx_seq_one_letter_code
;(MSE)PLPDFHVSEPFTLGIELE(MSE)QVVNPPGYDLSQDSS(MSE)LIDAVKNKITAGEVKHDITES(MSE)LELATD
VCRDINQAAGQFSA(MSE)QKVVLQAATDHHLEICGGGTHPFQKWQRQEVCDNERYQRTLENFGYLIQQATVFGQHVHVG
CASGDDAIYLLHGLSRFVPHFIALSAASPY(MSE)QGTDTRFASSRPNIFSAFPDNGP(MSE)PWVSNWQQFEALFRCLS
YTT(MSE)IDSIKDLHWDIRPSPHFGTVEVRV(MSE)DTPLTLSHAVN(MSE)AGLIQATAHWLLTERPFKHQEKDYLLY
KFNRFQACRYGLEGVITDPHTGDRRPLTEDTLRLLEKIAPSAHKIGASSAIEALHRQVVSGLNEAQL(MSE)RDFVADGG
SLIGLVKKHCEIWAGD
;
_entity_poly.pdbx_strand_id   A,B
#
# COMPACT_ATOMS: atom_id res chain seq x y z
N LEU A 3 27.80 2.04 -3.72
CA LEU A 3 27.20 2.99 -4.71
C LEU A 3 28.25 3.91 -5.30
N PRO A 4 28.10 4.29 -6.57
CA PRO A 4 29.08 5.18 -7.18
C PRO A 4 28.93 6.60 -6.65
N ASP A 5 29.96 7.42 -6.84
CA ASP A 5 29.90 8.81 -6.39
C ASP A 5 28.73 9.46 -7.12
N PHE A 6 28.14 10.51 -6.55
CA PHE A 6 27.04 11.17 -7.26
C PHE A 6 27.58 11.93 -8.45
N HIS A 7 27.16 11.51 -9.64
CA HIS A 7 27.62 12.15 -10.88
C HIS A 7 27.26 13.63 -10.92
N VAL A 8 28.25 14.47 -11.20
CA VAL A 8 28.02 15.91 -11.30
C VAL A 8 27.40 16.18 -12.69
N SER A 9 26.10 16.44 -12.73
CA SER A 9 25.43 16.73 -14.00
C SER A 9 25.50 18.22 -14.28
N GLU A 10 25.17 18.58 -15.51
CA GLU A 10 25.14 19.97 -15.92
C GLU A 10 23.93 20.60 -15.27
N PRO A 11 23.90 21.93 -15.20
CA PRO A 11 22.77 22.64 -14.59
C PRO A 11 21.40 22.24 -15.13
N PHE A 12 20.56 21.72 -14.23
CA PHE A 12 19.20 21.34 -14.53
C PHE A 12 18.91 20.61 -15.84
N THR A 13 19.77 19.67 -16.21
CA THR A 13 19.56 18.92 -17.45
C THR A 13 18.22 18.23 -17.35
N LEU A 14 17.71 17.74 -18.47
CA LEU A 14 16.41 17.11 -18.47
C LEU A 14 16.30 15.86 -19.33
N GLY A 15 15.55 14.87 -18.83
CA GLY A 15 15.35 13.63 -19.56
C GLY A 15 13.91 13.18 -19.37
N ILE A 16 13.26 12.73 -20.43
CA ILE A 16 11.86 12.29 -20.30
C ILE A 16 11.65 10.89 -20.86
N GLU A 17 10.88 10.07 -20.15
CA GLU A 17 10.57 8.71 -20.61
C GLU A 17 9.06 8.64 -20.59
N LEU A 18 8.49 8.07 -21.65
CA LEU A 18 7.04 7.93 -21.74
C LEU A 18 6.73 6.49 -22.08
N GLU A 19 5.81 5.89 -21.32
CA GLU A 19 5.39 4.52 -21.62
C GLU A 19 4.09 4.67 -22.36
N GLN A 21 0.99 3.21 -24.91
CA GLN A 21 0.20 1.99 -25.08
C GLN A 21 0.22 1.62 -26.57
N VAL A 22 0.35 0.33 -26.85
CA VAL A 22 0.31 -0.14 -28.22
C VAL A 22 -0.98 -0.93 -28.36
N VAL A 23 -1.91 -0.42 -29.15
CA VAL A 23 -3.18 -1.10 -29.31
C VAL A 23 -3.34 -1.75 -30.68
N ASN A 24 -4.19 -2.77 -30.74
CA ASN A 24 -4.41 -3.49 -31.99
C ASN A 24 -5.81 -3.30 -32.53
N PRO A 25 -5.94 -2.52 -33.61
CA PRO A 25 -7.24 -2.25 -34.23
C PRO A 25 -7.76 -3.49 -34.95
N PRO A 26 -9.08 -3.57 -35.23
CA PRO A 26 -10.14 -2.59 -34.93
C PRO A 26 -10.80 -2.79 -33.56
N GLY A 27 -10.39 -3.80 -32.81
CA GLY A 27 -10.98 -4.01 -31.50
C GLY A 27 -10.41 -3.02 -30.49
N TYR A 28 -9.22 -2.53 -30.81
CA TYR A 28 -8.50 -1.57 -30.00
C TYR A 28 -8.12 -1.99 -28.59
N ASP A 29 -7.78 -3.26 -28.42
CA ASP A 29 -7.35 -3.70 -27.12
C ASP A 29 -5.83 -3.65 -27.21
N LEU A 30 -5.12 -3.87 -26.11
CA LEU A 30 -3.66 -3.80 -26.12
C LEU A 30 -3.03 -4.91 -26.96
N SER A 31 -1.99 -4.55 -27.70
CA SER A 31 -1.28 -5.50 -28.52
C SER A 31 -0.43 -6.44 -27.64
N GLN A 32 0.15 -7.46 -28.26
CA GLN A 32 1.02 -8.41 -27.56
C GLN A 32 2.20 -8.71 -28.46
N ASP A 33 2.15 -8.16 -29.66
CA ASP A 33 3.19 -8.33 -30.66
C ASP A 33 3.62 -6.96 -31.13
N SER A 34 4.32 -6.24 -30.26
CA SER A 34 4.79 -4.91 -30.57
C SER A 34 6.32 -4.81 -30.49
N SER A 35 6.98 -5.96 -30.34
CA SER A 35 8.43 -5.99 -30.26
C SER A 35 8.99 -5.67 -31.65
N LEU A 37 7.97 -3.40 -33.49
CA LEU A 37 7.91 -1.96 -33.68
C LEU A 37 9.32 -1.43 -33.44
N ILE A 38 9.94 -1.92 -32.37
CA ILE A 38 11.30 -1.53 -32.05
C ILE A 38 12.19 -2.02 -33.17
N ASP A 39 11.94 -3.27 -33.57
CA ASP A 39 12.67 -3.90 -34.65
C ASP A 39 12.16 -3.35 -35.98
N ALA A 40 11.84 -2.07 -35.97
CA ALA A 40 11.34 -1.36 -37.14
C ALA A 40 11.88 0.06 -37.06
N VAL A 41 12.37 0.41 -35.87
CA VAL A 41 12.93 1.73 -35.62
C VAL A 41 14.34 1.55 -35.07
N LYS A 42 14.85 0.34 -35.18
CA LYS A 42 16.17 0.01 -34.68
C LYS A 42 17.30 0.65 -35.49
N ASN A 43 16.98 1.76 -36.15
CA ASN A 43 17.95 2.50 -36.96
C ASN A 43 17.30 3.77 -37.51
N LYS A 44 16.02 3.95 -37.18
CA LYS A 44 15.28 5.11 -37.65
C LYS A 44 15.08 6.17 -36.56
N ILE A 45 16.01 6.26 -35.63
CA ILE A 45 15.93 7.25 -34.55
C ILE A 45 17.33 7.77 -34.25
N THR A 46 17.54 9.05 -34.53
CA THR A 46 18.83 9.66 -34.30
C THR A 46 19.07 10.12 -32.86
N ALA A 47 18.06 10.73 -32.25
CA ALA A 47 18.22 11.18 -30.87
C ALA A 47 17.14 10.52 -30.03
N GLY A 48 17.49 10.15 -28.81
CA GLY A 48 16.53 9.50 -27.94
C GLY A 48 16.62 8.00 -28.01
N GLU A 49 15.72 7.31 -27.31
CA GLU A 49 15.76 5.87 -27.31
C GLU A 49 14.37 5.25 -27.24
N VAL A 50 14.23 4.06 -27.83
CA VAL A 50 12.95 3.37 -27.84
C VAL A 50 13.11 1.89 -27.51
N LYS A 51 12.46 1.46 -26.44
CA LYS A 51 12.52 0.08 -25.98
C LYS A 51 11.11 -0.43 -25.69
N HIS A 52 10.98 -1.70 -25.31
CA HIS A 52 9.66 -2.23 -24.99
C HIS A 52 9.69 -3.04 -23.70
N ASP A 53 8.53 -3.20 -23.08
CA ASP A 53 8.41 -3.96 -21.84
C ASP A 53 8.38 -5.44 -22.17
N ILE A 54 8.38 -6.28 -21.14
CA ILE A 54 8.35 -7.72 -21.36
C ILE A 54 6.96 -8.16 -21.81
N THR A 55 5.96 -7.31 -21.59
CA THR A 55 4.58 -7.59 -21.96
C THR A 55 4.29 -7.48 -23.45
N GLU A 56 4.96 -6.55 -24.12
CA GLU A 56 4.80 -6.32 -25.56
C GLU A 56 3.65 -5.38 -25.87
N SER A 57 3.02 -4.83 -24.84
CA SER A 57 1.88 -3.94 -25.05
C SER A 57 2.27 -2.50 -24.75
N LEU A 59 5.29 0.59 -25.48
CA LEU A 59 6.41 1.13 -26.26
C LEU A 59 6.98 2.29 -25.45
N GLU A 60 8.23 2.19 -25.04
CA GLU A 60 8.81 3.27 -24.25
C GLU A 60 9.67 4.23 -25.08
N LEU A 61 9.33 5.51 -25.03
CA LEU A 61 10.08 6.52 -25.74
C LEU A 61 10.86 7.30 -24.69
N ALA A 62 12.14 7.54 -24.93
CA ALA A 62 12.98 8.29 -24.00
C ALA A 62 13.78 9.31 -24.80
N THR A 63 14.01 10.48 -24.22
CA THR A 63 14.79 11.50 -24.89
C THR A 63 16.21 11.30 -24.41
N ASP A 64 17.18 11.97 -25.02
CA ASP A 64 18.53 11.87 -24.50
C ASP A 64 18.57 12.98 -23.45
N VAL A 65 19.73 13.27 -22.90
CA VAL A 65 19.84 14.34 -21.91
C VAL A 65 19.68 15.68 -22.62
N CYS A 66 18.60 16.39 -22.31
CA CYS A 66 18.31 17.68 -22.93
C CYS A 66 18.57 18.89 -22.04
N ARG A 67 18.55 20.07 -22.66
CA ARG A 67 18.78 21.31 -21.93
C ARG A 67 17.48 21.99 -21.55
N ASP A 68 16.43 21.78 -22.34
CA ASP A 68 15.16 22.43 -22.08
C ASP A 68 14.01 21.69 -22.74
N ILE A 69 12.79 22.16 -22.53
CA ILE A 69 11.65 21.46 -23.12
C ILE A 69 11.57 21.55 -24.64
N ASN A 70 12.11 22.63 -25.21
CA ASN A 70 12.12 22.75 -26.67
C ASN A 70 12.96 21.58 -27.22
N GLN A 71 14.13 21.32 -26.63
CA GLN A 71 14.93 20.19 -27.13
C GLN A 71 14.21 18.85 -26.98
N ALA A 72 13.61 18.61 -25.81
CA ALA A 72 12.89 17.37 -25.58
C ALA A 72 11.82 17.23 -26.64
N ALA A 73 11.02 18.29 -26.80
CA ALA A 73 9.93 18.29 -27.76
C ALA A 73 10.37 17.89 -29.15
N GLY A 74 11.58 18.31 -29.54
CA GLY A 74 12.08 17.98 -30.85
C GLY A 74 12.43 16.51 -31.00
N GLN A 75 13.09 15.98 -29.98
CA GLN A 75 13.46 14.58 -30.01
C GLN A 75 12.21 13.72 -30.01
N PHE A 76 11.18 14.16 -29.30
CA PHE A 76 9.94 13.39 -29.25
C PHE A 76 9.24 13.46 -30.60
N SER A 77 9.22 14.65 -31.19
CA SER A 77 8.57 14.85 -32.49
C SER A 77 9.20 13.95 -33.55
N ALA A 78 10.54 13.93 -33.57
CA ALA A 78 11.29 13.10 -34.52
C ALA A 78 11.05 11.62 -34.25
N GLN A 80 8.36 10.43 -32.91
CA GLN A 80 6.94 10.19 -33.22
C GLN A 80 6.67 9.85 -34.68
N LYS A 81 7.39 10.50 -35.60
CA LYS A 81 7.18 10.24 -37.02
C LYS A 81 7.56 8.81 -37.37
N VAL A 82 8.73 8.39 -36.92
CA VAL A 82 9.18 7.05 -37.20
C VAL A 82 8.20 6.06 -36.60
N VAL A 83 7.98 6.18 -35.29
CA VAL A 83 7.08 5.33 -34.56
C VAL A 83 5.71 5.22 -35.24
N LEU A 84 5.10 6.35 -35.56
CA LEU A 84 3.79 6.31 -36.22
C LEU A 84 3.85 5.58 -37.56
N GLN A 85 4.98 5.71 -38.25
CA GLN A 85 5.16 5.05 -39.54
C GLN A 85 5.21 3.55 -39.32
N ALA A 86 6.01 3.15 -38.34
CA ALA A 86 6.15 1.75 -38.01
C ALA A 86 4.80 1.16 -37.56
N ALA A 87 4.05 1.93 -36.78
CA ALA A 87 2.76 1.45 -36.28
C ALA A 87 1.85 1.13 -37.45
N THR A 88 1.73 2.10 -38.35
CA THR A 88 0.89 1.95 -39.53
C THR A 88 1.38 0.74 -40.33
N ASP A 89 2.70 0.62 -40.51
CA ASP A 89 3.29 -0.49 -41.26
C ASP A 89 2.91 -1.85 -40.69
N HIS A 90 2.71 -1.92 -39.38
CA HIS A 90 2.35 -3.17 -38.72
C HIS A 90 0.88 -3.22 -38.29
N HIS A 91 0.07 -2.32 -38.80
CA HIS A 91 -1.35 -2.27 -38.46
C HIS A 91 -1.57 -2.22 -36.94
N LEU A 92 -0.86 -1.30 -36.31
CA LEU A 92 -0.95 -1.09 -34.87
C LEU A 92 -1.09 0.42 -34.64
N GLU A 93 -1.58 0.79 -33.46
CA GLU A 93 -1.75 2.19 -33.11
C GLU A 93 -1.20 2.50 -31.73
N ILE A 94 -0.78 3.74 -31.53
CA ILE A 94 -0.18 4.20 -30.27
C ILE A 94 -1.07 5.25 -29.65
N CYS A 95 -1.25 5.21 -28.33
CA CYS A 95 -2.05 6.19 -27.62
C CYS A 95 -1.51 6.31 -26.21
N GLY A 96 -1.82 7.42 -25.55
CA GLY A 96 -1.37 7.64 -24.18
C GLY A 96 -2.44 7.29 -23.14
N GLY A 97 -2.25 7.71 -21.90
CA GLY A 97 -3.20 7.39 -20.85
C GLY A 97 -2.60 6.48 -19.79
N GLY A 98 -3.06 6.62 -18.54
CA GLY A 98 -2.52 5.81 -17.47
C GLY A 98 -2.91 4.34 -17.47
N THR A 99 -4.10 4.04 -17.94
CA THR A 99 -4.57 2.66 -18.01
C THR A 99 -5.28 2.46 -19.34
N HIS A 100 -5.34 1.23 -19.81
CA HIS A 100 -6.12 0.98 -21.02
C HIS A 100 -7.50 0.87 -20.38
N PRO A 101 -8.53 1.46 -20.99
CA PRO A 101 -9.89 1.42 -20.42
C PRO A 101 -10.56 0.09 -20.20
N PHE A 102 -10.29 -0.88 -21.06
CA PHE A 102 -10.98 -2.15 -20.88
C PHE A 102 -10.14 -3.41 -20.83
N GLN A 103 -8.83 -3.27 -21.02
CA GLN A 103 -7.93 -4.42 -20.96
C GLN A 103 -8.04 -5.17 -19.64
N LYS A 104 -8.27 -6.48 -19.73
CA LYS A 104 -8.36 -7.33 -18.56
C LYS A 104 -7.00 -7.99 -18.47
N TRP A 105 -6.56 -8.38 -17.28
CA TRP A 105 -5.27 -9.05 -17.17
C TRP A 105 -5.36 -10.40 -17.89
N ASN A 122 8.59 -13.54 -6.03
CA ASN A 122 7.27 -14.02 -6.41
C ASN A 122 6.17 -13.23 -5.70
N PHE A 123 5.40 -12.50 -6.50
CA PHE A 123 4.33 -11.65 -5.97
C PHE A 123 2.92 -12.12 -6.26
N GLY A 124 2.76 -13.39 -6.61
CA GLY A 124 1.44 -13.93 -6.90
C GLY A 124 0.45 -12.99 -7.57
N TYR A 125 -0.79 -12.96 -7.06
CA TYR A 125 -1.86 -12.14 -7.64
C TYR A 125 -1.62 -10.62 -7.67
N LEU A 126 -0.68 -10.11 -6.86
CA LEU A 126 -0.41 -8.68 -6.89
C LEU A 126 0.06 -8.23 -8.27
N ILE A 127 0.70 -9.15 -8.99
CA ILE A 127 1.23 -8.86 -10.32
C ILE A 127 0.22 -9.15 -11.42
N GLN A 128 -0.86 -9.85 -11.08
CA GLN A 128 -1.88 -10.20 -12.04
C GLN A 128 -2.97 -9.14 -12.19
N GLN A 129 -2.56 -7.93 -12.58
CA GLN A 129 -3.49 -6.82 -12.80
C GLN A 129 -3.08 -6.23 -14.14
N ALA A 130 -3.96 -5.44 -14.74
CA ALA A 130 -3.66 -4.86 -16.05
C ALA A 130 -2.39 -4.00 -16.05
N THR A 131 -1.74 -3.93 -17.20
CA THR A 131 -0.53 -3.14 -17.36
C THR A 131 -0.88 -1.67 -17.25
N VAL A 132 0.02 -0.86 -16.69
CA VAL A 132 -0.23 0.56 -16.54
C VAL A 132 0.86 1.33 -17.25
N PHE A 133 0.61 2.61 -17.50
CA PHE A 133 1.53 3.45 -18.24
C PHE A 133 1.91 4.77 -17.55
N GLY A 134 3.19 4.95 -17.26
CA GLY A 134 3.60 6.17 -16.60
C GLY A 134 4.61 7.03 -17.36
N GLN A 135 4.77 8.27 -16.91
CA GLN A 135 5.73 9.20 -17.49
C GLN A 135 6.77 9.49 -16.39
N HIS A 136 8.04 9.42 -16.72
CA HIS A 136 9.11 9.71 -15.75
C HIS A 136 9.90 10.92 -16.26
N VAL A 137 10.33 11.78 -15.35
CA VAL A 137 11.10 12.97 -15.72
C VAL A 137 12.36 13.02 -14.86
N HIS A 138 13.52 13.18 -15.50
CA HIS A 138 14.81 13.22 -14.80
C HIS A 138 15.43 14.60 -14.80
N VAL A 139 15.81 15.09 -13.63
CA VAL A 139 16.41 16.41 -13.53
C VAL A 139 17.82 16.30 -13.03
N GLY A 140 18.76 16.94 -13.72
CA GLY A 140 20.15 16.88 -13.33
C GLY A 140 20.49 17.67 -12.08
N CYS A 141 21.44 17.16 -11.30
CA CYS A 141 21.88 17.82 -10.07
C CYS A 141 23.37 17.82 -10.08
N ALA A 142 23.94 18.75 -9.33
CA ALA A 142 25.39 18.90 -9.26
C ALA A 142 26.04 18.03 -8.18
N SER A 143 25.26 17.61 -7.18
CA SER A 143 25.80 16.78 -6.09
C SER A 143 24.71 16.02 -5.37
N GLY A 144 25.14 15.09 -4.50
CA GLY A 144 24.22 14.27 -3.75
C GLY A 144 23.36 15.06 -2.77
N ASP A 145 23.97 15.99 -2.06
CA ASP A 145 23.19 16.77 -1.13
C ASP A 145 22.18 17.61 -1.91
N ASP A 146 22.50 17.99 -3.15
CA ASP A 146 21.56 18.79 -3.93
C ASP A 146 20.42 17.88 -4.38
N ALA A 147 20.75 16.64 -4.73
CA ALA A 147 19.74 15.68 -5.17
C ALA A 147 18.73 15.48 -4.04
N ILE A 148 19.23 15.30 -2.82
CA ILE A 148 18.36 15.10 -1.67
C ILE A 148 17.47 16.31 -1.40
N TYR A 149 18.03 17.50 -1.55
CA TYR A 149 17.22 18.71 -1.36
C TYR A 149 16.15 18.79 -2.46
N LEU A 150 16.57 18.50 -3.69
CA LEU A 150 15.64 18.54 -4.82
C LEU A 150 14.53 17.54 -4.63
N LEU A 151 14.88 16.35 -4.13
CA LEU A 151 13.88 15.32 -3.91
C LEU A 151 12.85 15.74 -2.87
N HIS A 152 13.31 16.24 -1.74
CA HIS A 152 12.38 16.66 -0.71
C HIS A 152 11.52 17.81 -1.17
N GLY A 153 12.11 18.71 -1.95
CA GLY A 153 11.34 19.84 -2.42
C GLY A 153 10.26 19.41 -3.40
N LEU A 154 10.56 18.43 -4.25
CA LEU A 154 9.60 17.98 -5.24
C LEU A 154 8.52 17.14 -4.57
N SER A 155 8.88 16.41 -3.52
CA SER A 155 7.91 15.59 -2.80
C SER A 155 6.73 16.43 -2.36
N ARG A 156 6.96 17.72 -2.08
CA ARG A 156 5.89 18.60 -1.63
C ARG A 156 4.84 18.85 -2.69
N PHE A 157 5.22 18.65 -3.95
CA PHE A 157 4.28 18.91 -5.02
C PHE A 157 3.85 17.69 -5.80
N VAL A 158 4.16 16.51 -5.26
CA VAL A 158 3.74 15.26 -5.88
C VAL A 158 2.21 15.26 -6.03
N PRO A 159 1.46 15.73 -5.00
CA PRO A 159 0.00 15.71 -5.19
C PRO A 159 -0.36 16.53 -6.43
N HIS A 160 0.30 17.66 -6.58
CA HIS A 160 0.07 18.54 -7.72
C HIS A 160 0.46 17.88 -9.04
N PHE A 161 1.59 17.16 -9.07
CA PHE A 161 2.02 16.52 -10.31
C PHE A 161 1.06 15.42 -10.72
N ILE A 162 0.42 14.78 -9.74
CA ILE A 162 -0.51 13.70 -10.01
C ILE A 162 -1.82 14.24 -10.56
N ALA A 163 -2.30 15.30 -9.95
CA ALA A 163 -3.56 15.88 -10.39
C ALA A 163 -3.48 16.45 -11.80
N LEU A 164 -2.39 17.13 -12.11
CA LEU A 164 -2.19 17.72 -13.44
C LEU A 164 -2.03 16.72 -14.56
N SER A 165 -1.54 15.52 -14.23
CA SER A 165 -1.35 14.48 -15.24
C SER A 165 -2.36 13.33 -15.14
N ALA A 166 -3.28 13.37 -14.18
CA ALA A 166 -4.24 12.28 -14.04
C ALA A 166 -4.91 11.95 -15.37
N ALA A 167 -4.73 10.69 -15.80
CA ALA A 167 -5.30 10.25 -17.07
C ALA A 167 -5.57 8.75 -17.01
N SER A 168 -6.26 8.30 -15.96
CA SER A 168 -6.54 6.88 -15.81
C SER A 168 -7.76 6.54 -14.93
N PRO A 169 -8.95 7.04 -15.31
CA PRO A 169 -10.22 6.84 -14.62
C PRO A 169 -10.83 5.46 -14.89
N TYR A 170 -10.50 4.87 -16.03
CA TYR A 170 -11.07 3.56 -16.37
C TYR A 170 -10.15 2.40 -16.11
N GLN A 172 -10.48 -1.92 -16.69
CA GLN A 172 -11.23 -3.09 -17.12
C GLN A 172 -12.71 -2.83 -17.42
N GLY A 173 -13.01 -1.71 -18.04
CA GLY A 173 -14.38 -1.40 -18.41
C GLY A 173 -15.23 -0.62 -17.44
N THR A 174 -14.72 -0.41 -16.22
CA THR A 174 -15.48 0.31 -15.19
C THR A 174 -14.87 1.64 -14.70
N ASP A 175 -15.73 2.63 -14.49
CA ASP A 175 -15.29 3.92 -13.98
C ASP A 175 -14.92 3.74 -12.52
N THR A 176 -13.63 3.83 -12.20
CA THR A 176 -13.17 3.68 -10.83
C THR A 176 -13.52 4.90 -9.96
N ARG A 177 -13.92 5.99 -10.63
CA ARG A 177 -14.23 7.25 -9.95
C ARG A 177 -12.95 8.05 -9.68
N PHE A 178 -11.81 7.39 -9.67
CA PHE A 178 -10.53 8.06 -9.48
C PHE A 178 -10.15 8.85 -10.74
N ALA A 179 -9.37 9.92 -10.58
CA ALA A 179 -8.88 10.68 -11.72
C ALA A 179 -7.68 9.88 -12.24
N SER A 180 -6.91 9.32 -11.32
CA SER A 180 -5.77 8.48 -11.66
C SER A 180 -5.80 7.26 -10.76
N SER A 181 -6.16 6.13 -11.33
CA SER A 181 -6.25 4.86 -10.59
C SER A 181 -4.96 4.04 -10.73
N ARG A 182 -4.18 4.34 -11.75
CA ARG A 182 -2.92 3.61 -12.01
C ARG A 182 -2.05 3.38 -10.79
N PRO A 183 -1.84 4.45 -9.98
CA PRO A 183 -1.00 4.28 -8.79
C PRO A 183 -1.47 3.23 -7.79
N ASN A 184 -2.76 2.89 -7.82
CA ASN A 184 -3.24 1.89 -6.85
C ASN A 184 -2.68 0.48 -7.11
N ILE A 185 -2.24 0.24 -8.34
CA ILE A 185 -1.70 -1.07 -8.70
C ILE A 185 -0.42 -1.47 -7.97
N PHE A 186 0.33 -0.49 -7.44
CA PHE A 186 1.57 -0.79 -6.74
C PHE A 186 1.48 -0.72 -5.22
N SER A 187 0.33 -0.32 -4.70
CA SER A 187 0.19 -0.10 -3.27
C SER A 187 0.55 -1.22 -2.28
N ALA A 188 0.61 -2.47 -2.74
CA ALA A 188 0.91 -3.55 -1.82
C ALA A 188 2.38 -3.83 -1.73
N PHE A 189 3.13 -3.31 -2.70
CA PHE A 189 4.57 -3.54 -2.70
C PHE A 189 5.27 -2.76 -1.57
N PRO A 190 6.24 -3.40 -0.90
CA PRO A 190 7.01 -2.83 0.21
C PRO A 190 7.65 -1.48 -0.07
N ASP A 191 8.09 -1.28 -1.31
CA ASP A 191 8.77 -0.06 -1.73
C ASP A 191 7.89 1.06 -2.29
N ASN A 192 6.57 0.88 -2.29
CA ASN A 192 5.64 1.88 -2.82
C ASN A 192 5.58 3.16 -2.00
N GLY A 193 5.36 4.29 -2.66
CA GLY A 193 5.25 5.55 -1.94
C GLY A 193 6.51 6.38 -1.86
N PRO A 194 6.65 7.21 -0.82
CA PRO A 194 7.81 8.08 -0.61
C PRO A 194 9.04 7.39 -0.10
N PRO A 196 12.05 6.66 2.26
CA PRO A 196 12.10 6.88 3.70
C PRO A 196 12.96 8.11 3.87
N TRP A 197 12.70 8.91 4.90
CA TRP A 197 13.46 10.13 5.12
C TRP A 197 14.95 9.98 5.40
N VAL A 198 15.71 10.93 4.84
CA VAL A 198 17.15 11.03 5.03
C VAL A 198 17.36 12.52 4.80
N SER A 199 18.32 13.11 5.50
CA SER A 199 18.60 14.54 5.39
C SER A 199 19.68 14.97 4.41
N ASN A 200 20.57 14.03 4.04
CA ASN A 200 21.66 14.35 3.13
C ASN A 200 22.12 13.11 2.37
N TRP A 201 23.07 13.28 1.45
CA TRP A 201 23.53 12.15 0.65
C TRP A 201 24.22 11.07 1.47
N GLN A 202 24.89 11.45 2.54
CA GLN A 202 25.58 10.45 3.34
C GLN A 202 24.50 9.56 3.99
N GLN A 203 23.45 10.18 4.51
CA GLN A 203 22.38 9.39 5.13
C GLN A 203 21.71 8.56 4.06
N PHE A 204 21.65 9.05 2.82
CA PHE A 204 21.01 8.22 1.80
C PHE A 204 21.80 6.96 1.50
N GLU A 205 23.12 7.05 1.51
CA GLU A 205 23.96 5.89 1.23
C GLU A 205 23.78 4.82 2.31
N ALA A 206 23.64 5.27 3.55
CA ALA A 206 23.44 4.36 4.69
C ALA A 206 22.10 3.67 4.56
N LEU A 207 21.09 4.44 4.16
CA LEU A 207 19.74 3.89 3.96
C LEU A 207 19.77 2.83 2.85
N PHE A 208 20.36 3.19 1.72
CA PHE A 208 20.42 2.23 0.62
C PHE A 208 21.18 0.99 1.03
N ARG A 209 22.22 1.18 1.84
CA ARG A 209 22.99 0.06 2.32
C ARG A 209 22.09 -0.84 3.14
N CYS A 210 21.27 -0.25 4.01
CA CYS A 210 20.37 -1.05 4.83
C CYS A 210 19.33 -1.76 3.96
N LEU A 211 18.72 -1.02 3.04
CA LEU A 211 17.72 -1.64 2.19
C LEU A 211 18.27 -2.81 1.39
N SER A 212 19.54 -2.70 0.97
CA SER A 212 20.23 -3.73 0.19
C SER A 212 20.42 -5.06 0.91
N TYR A 213 20.18 -5.05 2.21
CA TYR A 213 20.33 -6.25 3.02
C TYR A 213 19.34 -7.32 2.58
N THR A 214 18.15 -6.88 2.18
CA THR A 214 17.13 -7.81 1.72
C THR A 214 17.56 -8.34 0.35
N THR A 215 17.05 -9.50 -0.05
CA THR A 215 17.43 -10.05 -1.36
C THR A 215 16.64 -9.37 -2.46
N ILE A 217 16.23 -6.11 -2.84
CA ILE A 217 16.88 -4.88 -3.28
C ILE A 217 18.39 -5.05 -3.58
N ASP A 218 18.77 -4.84 -4.84
CA ASP A 218 20.17 -4.96 -5.26
C ASP A 218 20.67 -3.61 -5.79
N SER A 219 19.77 -2.83 -6.38
CA SER A 219 20.11 -1.50 -6.90
C SER A 219 18.96 -0.52 -6.65
N ILE A 220 19.20 0.76 -6.92
CA ILE A 220 18.18 1.78 -6.72
C ILE A 220 17.02 1.54 -7.68
N LYS A 221 17.36 0.99 -8.84
CA LYS A 221 16.37 0.66 -9.86
C LYS A 221 15.27 -0.22 -9.25
N ASP A 222 15.64 -1.02 -8.24
CA ASP A 222 14.70 -1.90 -7.55
C ASP A 222 13.73 -1.19 -6.57
N LEU A 223 14.03 0.06 -6.23
CA LEU A 223 13.19 0.81 -5.29
C LEU A 223 12.26 1.75 -6.02
N HIS A 224 11.01 1.33 -6.18
CA HIS A 224 10.03 2.12 -6.90
C HIS A 224 9.35 3.24 -6.13
N TRP A 225 10.15 4.10 -5.53
CA TRP A 225 9.62 5.22 -4.77
C TRP A 225 9.02 6.19 -5.77
N ASP A 226 8.21 7.13 -5.28
CA ASP A 226 7.60 8.13 -6.17
C ASP A 226 8.67 8.98 -6.84
N ILE A 227 9.70 9.32 -6.07
CA ILE A 227 10.82 10.16 -6.52
C ILE A 227 12.07 9.47 -6.01
N ARG A 228 13.05 9.27 -6.89
CA ARG A 228 14.29 8.64 -6.46
C ARG A 228 15.51 9.25 -7.13
N PRO A 229 16.65 9.25 -6.44
CA PRO A 229 17.88 9.80 -6.99
C PRO A 229 18.63 8.75 -7.75
N SER A 230 19.52 9.20 -8.63
CA SER A 230 20.37 8.28 -9.39
C SER A 230 21.78 8.85 -9.31
N PRO A 231 22.69 8.14 -8.62
CA PRO A 231 24.05 8.67 -8.55
C PRO A 231 24.83 8.41 -9.85
N HIS A 232 24.44 7.36 -10.57
CA HIS A 232 25.09 7.01 -11.83
C HIS A 232 24.83 8.06 -12.93
N PHE A 233 23.61 8.59 -12.98
CA PHE A 233 23.25 9.58 -13.99
C PHE A 233 23.26 11.01 -13.48
N GLY A 234 23.36 11.18 -12.16
CA GLY A 234 23.40 12.50 -11.55
C GLY A 234 22.10 13.24 -11.70
N THR A 235 21.01 12.54 -11.39
CA THR A 235 19.67 13.12 -11.51
C THR A 235 18.73 12.67 -10.37
N VAL A 236 17.57 13.31 -10.31
CA VAL A 236 16.52 12.96 -9.36
C VAL A 236 15.42 12.59 -10.34
N GLU A 237 14.73 11.46 -10.12
CA GLU A 237 13.69 11.03 -11.03
C GLU A 237 12.28 11.03 -10.43
N VAL A 238 11.35 11.72 -11.08
CA VAL A 238 9.98 11.79 -10.61
C VAL A 238 9.19 10.77 -11.41
N ARG A 239 8.54 9.84 -10.73
CA ARG A 239 7.84 8.80 -11.44
C ARG A 239 6.46 8.48 -10.92
N VAL A 240 5.68 9.54 -10.66
CA VAL A 240 4.33 9.36 -10.15
C VAL A 240 3.24 9.62 -11.17
N ASP A 242 0.82 9.58 -14.69
CA ASP A 242 0.22 8.75 -15.72
C ASP A 242 0.80 9.24 -17.04
N THR A 243 0.86 8.37 -18.03
CA THR A 243 1.36 8.80 -19.33
C THR A 243 0.25 9.66 -19.96
N PRO A 244 0.58 10.89 -20.41
CA PRO A 244 -0.37 11.83 -21.04
C PRO A 244 -0.93 11.39 -22.40
N LEU A 245 -2.08 11.96 -22.75
CA LEU A 245 -2.70 11.66 -24.03
C LEU A 245 -1.90 12.28 -25.19
N THR A 246 -1.18 13.37 -24.93
CA THR A 246 -0.39 14.02 -25.99
C THR A 246 1.06 14.21 -25.60
N LEU A 247 1.91 14.42 -26.62
CA LEU A 247 3.32 14.67 -26.35
C LEU A 247 3.49 16.07 -25.76
N SER A 248 2.68 17.03 -26.20
CA SER A 248 2.84 18.37 -25.67
C SER A 248 2.54 18.42 -24.18
N HIS A 249 1.53 17.70 -23.71
CA HIS A 249 1.28 17.77 -22.28
C HIS A 249 2.43 17.11 -21.52
N ALA A 250 2.99 16.04 -22.06
CA ALA A 250 4.12 15.36 -21.43
C ALA A 250 5.32 16.31 -21.33
N VAL A 251 5.49 17.14 -22.35
CA VAL A 251 6.61 18.07 -22.37
C VAL A 251 6.37 19.17 -21.36
N ASN A 252 5.11 19.59 -21.23
CA ASN A 252 4.78 20.64 -20.29
C ASN A 252 4.93 20.19 -18.85
N ALA A 254 7.06 18.06 -17.85
CA ALA A 254 8.50 18.05 -17.66
C ALA A 254 9.03 19.45 -17.43
N GLY A 255 8.48 20.43 -18.12
CA GLY A 255 8.94 21.81 -17.92
C GLY A 255 8.56 22.26 -16.52
N LEU A 256 7.35 21.90 -16.11
CA LEU A 256 6.86 22.21 -14.77
C LEU A 256 7.82 21.70 -13.73
N ILE A 257 8.25 20.45 -13.89
CA ILE A 257 9.16 19.84 -12.92
C ILE A 257 10.56 20.48 -12.94
N GLN A 258 11.00 20.87 -14.14
CA GLN A 258 12.31 21.49 -14.29
C GLN A 258 12.32 22.90 -13.71
N ALA A 259 11.23 23.63 -13.85
CA ALA A 259 11.17 24.99 -13.31
C ALA A 259 11.07 24.93 -11.78
N THR A 260 10.42 23.89 -11.27
CA THR A 260 10.27 23.75 -9.83
C THR A 260 11.63 23.36 -9.25
N ALA A 261 12.35 22.52 -9.97
CA ALA A 261 13.68 22.12 -9.53
C ALA A 261 14.57 23.35 -9.49
N HIS A 262 14.53 24.16 -10.54
CA HIS A 262 15.35 25.37 -10.58
C HIS A 262 15.03 26.32 -9.41
N TRP A 263 13.75 26.48 -9.11
CA TRP A 263 13.32 27.35 -8.00
C TRP A 263 13.75 26.80 -6.64
N LEU A 264 13.64 25.49 -6.47
CA LEU A 264 14.02 24.85 -5.22
C LEU A 264 15.50 24.97 -4.94
N LEU A 265 16.30 24.56 -5.93
CA LEU A 265 17.75 24.59 -5.78
C LEU A 265 18.37 25.99 -5.79
N THR A 266 17.85 26.92 -6.60
CA THR A 266 18.46 28.24 -6.61
C THR A 266 18.00 29.13 -5.45
N GLU A 267 16.74 29.02 -5.05
CA GLU A 267 16.24 29.83 -3.95
C GLU A 267 16.19 29.12 -2.59
N ARG A 268 16.30 27.79 -2.56
CA ARG A 268 16.28 27.06 -1.29
C ARG A 268 15.21 27.67 -0.39
N PRO A 269 13.94 27.60 -0.81
CA PRO A 269 12.84 28.18 -0.04
C PRO A 269 12.46 27.44 1.23
N PHE A 270 12.91 26.19 1.36
CA PHE A 270 12.56 25.41 2.55
C PHE A 270 13.74 24.81 3.26
N LYS A 271 13.55 24.49 4.53
CA LYS A 271 14.55 23.77 5.30
C LYS A 271 13.74 22.50 5.51
N HIS A 272 14.13 21.41 4.85
CA HIS A 272 13.40 20.15 4.94
C HIS A 272 13.35 19.47 6.31
N GLN A 273 12.16 19.02 6.70
CA GLN A 273 11.91 18.33 7.96
C GLN A 273 11.11 17.06 7.70
N GLU A 274 11.40 16.01 8.46
CA GLU A 274 10.70 14.75 8.28
C GLU A 274 9.19 14.92 8.40
N LYS A 275 8.76 15.81 9.30
CA LYS A 275 7.33 16.02 9.50
C LYS A 275 6.64 16.64 8.28
N ASP A 276 7.43 17.05 7.29
CA ASP A 276 6.81 17.62 6.08
C ASP A 276 6.11 16.50 5.32
N TYR A 277 6.54 15.27 5.57
CA TYR A 277 5.99 14.07 4.91
C TYR A 277 4.83 13.41 5.64
N LEU A 278 4.49 13.91 6.82
CA LEU A 278 3.44 13.31 7.63
C LEU A 278 2.14 12.96 6.93
N LEU A 279 1.64 13.88 6.11
CA LEU A 279 0.39 13.60 5.40
C LEU A 279 0.64 13.26 3.94
N TYR A 280 1.88 12.92 3.62
CA TYR A 280 2.21 12.63 2.24
C TYR A 280 1.28 11.65 1.53
N LYS A 281 0.98 10.53 2.18
CA LYS A 281 0.11 9.54 1.58
C LYS A 281 -1.35 9.99 1.48
N PHE A 282 -1.80 10.81 2.43
CA PHE A 282 -3.19 11.28 2.46
C PHE A 282 -3.42 12.30 1.34
N ASN A 283 -2.44 13.16 1.13
CA ASN A 283 -2.53 14.16 0.08
C ASN A 283 -2.35 13.50 -1.29
N ARG A 284 -1.50 12.48 -1.35
CA ARG A 284 -1.26 11.76 -2.59
C ARG A 284 -2.59 11.09 -2.97
N PHE A 285 -3.27 10.50 -1.99
CA PHE A 285 -4.54 9.83 -2.26
C PHE A 285 -5.59 10.81 -2.79
N GLN A 286 -5.71 11.96 -2.15
CA GLN A 286 -6.69 12.96 -2.58
C GLN A 286 -6.47 13.38 -4.04
N ALA A 287 -5.20 13.44 -4.46
CA ALA A 287 -4.90 13.84 -5.84
C ALA A 287 -5.27 12.73 -6.81
N CYS A 288 -5.01 11.48 -6.45
CA CYS A 288 -5.34 10.34 -7.31
C CYS A 288 -6.85 10.21 -7.44
N ARG A 289 -7.54 10.30 -6.31
CA ARG A 289 -8.98 10.13 -6.29
C ARG A 289 -9.77 11.29 -6.86
N TYR A 290 -9.35 12.51 -6.58
CA TYR A 290 -10.10 13.67 -7.06
C TYR A 290 -9.45 14.58 -8.06
N GLY A 291 -8.17 14.37 -8.35
CA GLY A 291 -7.51 15.26 -9.29
C GLY A 291 -7.39 16.65 -8.67
N LEU A 292 -7.48 17.68 -9.50
CA LEU A 292 -7.33 19.05 -9.00
C LEU A 292 -8.37 19.45 -7.95
N GLU A 293 -9.45 18.67 -7.83
CA GLU A 293 -10.49 18.97 -6.84
C GLU A 293 -10.12 18.32 -5.51
N GLY A 294 -9.03 17.57 -5.50
CA GLY A 294 -8.63 16.95 -4.25
C GLY A 294 -8.18 18.08 -3.34
N VAL A 295 -8.20 17.84 -2.04
CA VAL A 295 -7.79 18.85 -1.07
C VAL A 295 -6.46 18.42 -0.46
N ILE A 296 -5.54 19.35 -0.32
CA ILE A 296 -4.24 19.08 0.28
C ILE A 296 -4.27 19.67 1.69
N THR A 297 -3.74 18.92 2.65
CA THR A 297 -3.73 19.35 4.03
C THR A 297 -2.29 19.58 4.46
N ASP A 298 -2.03 20.68 5.17
CA ASP A 298 -0.68 20.94 5.66
C ASP A 298 -0.55 20.17 6.97
N PRO A 299 0.53 19.39 7.12
CA PRO A 299 0.72 18.62 8.35
C PRO A 299 1.08 19.46 9.58
N HIS A 300 1.63 20.64 9.35
CA HIS A 300 2.02 21.50 10.46
C HIS A 300 0.90 22.35 11.02
N THR A 301 0.01 22.81 10.16
CA THR A 301 -1.07 23.71 10.59
C THR A 301 -2.47 23.17 10.43
N GLY A 302 -2.63 22.16 9.57
CA GLY A 302 -3.96 21.61 9.35
C GLY A 302 -4.71 22.39 8.28
N ASP A 303 -4.12 23.47 7.79
CA ASP A 303 -4.76 24.28 6.74
C ASP A 303 -5.02 23.41 5.50
N ARG A 304 -6.22 23.51 4.94
CA ARG A 304 -6.57 22.72 3.77
C ARG A 304 -6.88 23.61 2.57
N ARG A 305 -6.54 23.12 1.37
CA ARG A 305 -6.79 23.89 0.17
C ARG A 305 -7.01 23.00 -1.04
N PRO A 306 -7.93 23.36 -1.91
CA PRO A 306 -8.11 22.49 -3.07
C PRO A 306 -6.80 22.57 -3.88
N LEU A 307 -6.46 21.51 -4.58
CA LEU A 307 -5.25 21.51 -5.40
C LEU A 307 -5.31 22.51 -6.56
N THR A 308 -6.51 22.85 -7.03
CA THR A 308 -6.60 23.85 -8.10
C THR A 308 -5.93 25.13 -7.59
N GLU A 309 -6.36 25.58 -6.41
CA GLU A 309 -5.83 26.79 -5.80
C GLU A 309 -4.34 26.69 -5.49
N ASP A 310 -3.97 25.61 -4.83
CA ASP A 310 -2.59 25.41 -4.45
C ASP A 310 -1.67 25.27 -5.67
N THR A 311 -2.17 24.65 -6.74
CA THR A 311 -1.36 24.47 -7.94
C THR A 311 -1.12 25.82 -8.63
N LEU A 312 -2.12 26.70 -8.56
CA LEU A 312 -1.97 28.03 -9.15
C LEU A 312 -0.90 28.79 -8.40
N ARG A 313 -0.83 28.58 -7.09
CA ARG A 313 0.20 29.24 -6.29
C ARG A 313 1.60 28.70 -6.59
N LEU A 314 1.69 27.43 -6.99
CA LEU A 314 2.98 26.82 -7.33
C LEU A 314 3.42 27.40 -8.66
N LEU A 315 2.47 27.49 -9.59
CA LEU A 315 2.72 28.04 -10.92
C LEU A 315 3.21 29.49 -10.92
N GLU A 316 2.69 30.29 -9.99
CA GLU A 316 3.08 31.70 -9.92
C GLU A 316 4.45 31.83 -9.27
N LYS A 317 4.71 30.97 -8.31
CA LYS A 317 5.97 30.98 -7.60
C LYS A 317 7.16 30.56 -8.47
N ILE A 318 6.97 29.61 -9.38
CA ILE A 318 8.09 29.14 -10.20
C ILE A 318 8.19 29.79 -11.57
N ALA A 319 7.32 30.76 -11.83
CA ALA A 319 7.31 31.44 -13.11
C ALA A 319 8.67 32.06 -13.47
N PRO A 320 9.25 32.87 -12.57
CA PRO A 320 10.56 33.45 -12.92
C PRO A 320 11.57 32.36 -13.26
N SER A 321 11.58 31.28 -12.50
CA SER A 321 12.50 30.19 -12.79
C SER A 321 12.20 29.57 -14.16
N ALA A 322 10.92 29.52 -14.54
CA ALA A 322 10.54 28.95 -15.84
C ALA A 322 11.18 29.74 -17.00
N HIS A 323 11.21 31.07 -16.87
CA HIS A 323 11.83 31.90 -17.90
C HIS A 323 13.30 31.51 -17.98
N LYS A 324 13.95 31.48 -16.82
CA LYS A 324 15.36 31.16 -16.73
C LYS A 324 15.84 29.93 -17.48
N ILE A 325 15.07 28.84 -17.40
CA ILE A 325 15.47 27.61 -18.07
C ILE A 325 14.66 27.30 -19.34
N GLY A 326 13.87 28.27 -19.79
CA GLY A 326 13.10 28.13 -21.01
C GLY A 326 11.80 27.33 -21.00
N ALA A 327 11.08 27.33 -19.89
CA ALA A 327 9.85 26.57 -19.81
C ALA A 327 8.64 27.43 -19.47
N SER A 328 8.73 28.74 -19.71
CA SER A 328 7.61 29.59 -19.35
C SER A 328 6.35 29.26 -20.15
N SER A 329 6.52 28.67 -21.33
CA SER A 329 5.39 28.30 -22.16
C SER A 329 4.63 27.10 -21.57
N ALA A 330 5.35 26.24 -20.87
CA ALA A 330 4.72 25.10 -20.22
C ALA A 330 3.94 25.64 -19.00
N ILE A 331 4.57 26.52 -18.23
CA ILE A 331 3.95 27.11 -17.07
C ILE A 331 2.66 27.83 -17.45
N GLU A 332 2.71 28.63 -18.52
CA GLU A 332 1.53 29.35 -18.98
C GLU A 332 0.40 28.40 -19.43
N ALA A 333 0.75 27.34 -20.15
CA ALA A 333 -0.27 26.39 -20.60
C ALA A 333 -0.91 25.63 -19.42
N LEU A 334 -0.11 25.25 -18.44
CA LEU A 334 -0.65 24.53 -17.30
C LEU A 334 -1.61 25.46 -16.52
N HIS A 335 -1.25 26.74 -16.43
CA HIS A 335 -2.08 27.74 -15.73
C HIS A 335 -3.42 27.88 -16.45
N ARG A 336 -3.41 27.92 -17.78
CA ARG A 336 -4.64 28.04 -18.54
C ARG A 336 -5.52 26.83 -18.30
N GLN A 337 -4.88 25.66 -18.20
CA GLN A 337 -5.63 24.44 -17.99
C GLN A 337 -6.24 24.32 -16.60
N VAL A 338 -5.50 24.70 -15.57
CA VAL A 338 -6.04 24.64 -14.21
C VAL A 338 -7.19 25.64 -14.09
N VAL A 339 -7.02 26.83 -14.67
CA VAL A 339 -8.06 27.84 -14.61
C VAL A 339 -9.34 27.38 -15.30
N SER A 340 -9.23 26.73 -16.45
CA SER A 340 -10.42 26.30 -17.18
C SER A 340 -10.96 24.93 -16.78
N GLY A 341 -10.20 24.17 -16.01
CA GLY A 341 -10.67 22.85 -15.62
C GLY A 341 -9.96 21.78 -16.41
N LEU A 342 -10.33 21.66 -17.69
CA LEU A 342 -9.72 20.68 -18.59
C LEU A 342 -9.15 19.46 -17.89
N ASN A 343 -10.05 18.59 -17.42
CA ASN A 343 -9.65 17.37 -16.72
C ASN A 343 -9.85 16.17 -17.66
N GLU A 344 -8.75 15.62 -18.16
CA GLU A 344 -8.78 14.48 -19.07
C GLU A 344 -9.66 13.37 -18.51
N ALA A 345 -9.59 13.17 -17.20
CA ALA A 345 -10.39 12.14 -16.56
C ALA A 345 -11.86 12.38 -16.87
N GLN A 346 -12.32 13.60 -16.62
CA GLN A 346 -13.70 13.98 -16.87
C GLN A 346 -13.99 13.92 -18.37
N LEU A 347 -13.11 14.55 -19.15
CA LEU A 347 -13.24 14.59 -20.60
C LEU A 347 -13.46 13.19 -21.17
N ARG A 349 -14.84 10.77 -19.37
CA ARG A 349 -16.16 10.45 -18.87
C ARG A 349 -17.26 11.16 -19.68
N ASP A 350 -16.96 12.35 -20.19
CA ASP A 350 -17.94 13.08 -20.99
C ASP A 350 -18.12 12.42 -22.35
N PHE A 351 -17.00 12.03 -22.94
CA PHE A 351 -17.05 11.35 -24.22
C PHE A 351 -18.03 10.19 -24.09
N VAL A 352 -17.82 9.38 -23.05
CA VAL A 352 -18.66 8.23 -22.80
C VAL A 352 -20.08 8.62 -22.43
N ALA A 353 -20.22 9.69 -21.65
CA ALA A 353 -21.54 10.17 -21.23
C ALA A 353 -22.34 10.69 -22.44
N ASP A 354 -21.62 11.17 -23.45
CA ASP A 354 -22.25 11.67 -24.66
C ASP A 354 -22.68 10.54 -25.57
N GLY A 355 -22.38 9.31 -25.17
CA GLY A 355 -22.77 8.17 -25.97
C GLY A 355 -21.62 7.48 -26.70
N GLY A 356 -20.39 7.88 -26.42
CA GLY A 356 -19.26 7.23 -27.07
C GLY A 356 -18.91 5.95 -26.34
N SER A 357 -18.25 5.03 -27.03
CA SER A 357 -17.88 3.76 -26.40
C SER A 357 -16.44 3.73 -25.99
N LEU A 358 -16.08 2.76 -25.14
CA LEU A 358 -14.70 2.66 -24.69
C LEU A 358 -13.81 2.35 -25.88
N ILE A 359 -14.33 1.56 -26.81
CA ILE A 359 -13.55 1.23 -28.02
C ILE A 359 -13.34 2.56 -28.74
N GLY A 360 -14.41 3.34 -28.88
CA GLY A 360 -14.30 4.62 -29.54
C GLY A 360 -13.33 5.55 -28.82
N LEU A 361 -13.35 5.52 -27.50
CA LEU A 361 -12.45 6.36 -26.69
C LEU A 361 -10.98 6.06 -26.96
N VAL A 362 -10.65 4.78 -27.11
CA VAL A 362 -9.27 4.37 -27.37
C VAL A 362 -8.87 4.82 -28.77
N LYS A 363 -9.83 4.77 -29.69
CA LYS A 363 -9.59 5.19 -31.06
C LYS A 363 -9.39 6.71 -31.09
N LYS A 364 -10.19 7.41 -30.29
CA LYS A 364 -10.05 8.85 -30.21
C LYS A 364 -8.63 9.18 -29.71
N HIS A 365 -8.18 8.45 -28.70
CA HIS A 365 -6.87 8.70 -28.10
C HIS A 365 -5.71 8.41 -29.02
N CYS A 366 -5.92 7.50 -29.95
CA CYS A 366 -4.89 7.17 -30.92
C CYS A 366 -4.78 8.34 -31.89
N GLU A 367 -5.93 8.89 -32.30
CA GLU A 367 -5.95 10.01 -33.22
C GLU A 367 -5.38 11.23 -32.52
N ILE A 368 -5.69 11.39 -31.24
CA ILE A 368 -5.17 12.52 -30.47
C ILE A 368 -3.65 12.51 -30.33
N TRP A 369 -3.06 11.34 -30.07
CA TRP A 369 -1.61 11.27 -29.91
C TRP A 369 -0.88 11.61 -31.21
N ALA A 370 -1.46 11.23 -32.34
CA ALA A 370 -0.86 11.50 -33.66
C ALA A 370 -0.70 12.98 -34.02
N PRO B 2 -9.95 16.67 21.63
CA PRO B 2 -8.72 15.86 21.73
C PRO B 2 -9.04 14.39 22.00
N LEU B 3 -7.97 13.60 22.08
CA LEU B 3 -8.10 12.18 22.38
C LEU B 3 -8.36 12.05 23.85
N PRO B 4 -8.93 10.91 24.26
CA PRO B 4 -9.22 10.69 25.68
C PRO B 4 -7.90 10.52 26.44
N ASP B 5 -7.91 10.73 27.75
CA ASP B 5 -6.71 10.51 28.55
C ASP B 5 -6.50 9.01 28.46
N PHE B 6 -5.26 8.54 28.58
CA PHE B 6 -5.03 7.11 28.49
C PHE B 6 -5.47 6.36 29.75
N HIS B 7 -6.52 5.55 29.58
CA HIS B 7 -7.06 4.78 30.68
C HIS B 7 -6.02 3.87 31.33
N VAL B 8 -5.94 3.94 32.66
CA VAL B 8 -5.00 3.11 33.43
C VAL B 8 -5.58 1.71 33.57
N SER B 9 -5.05 0.78 32.78
CA SER B 9 -5.51 -0.61 32.81
C SER B 9 -4.63 -1.42 33.72
N GLU B 10 -5.10 -2.61 34.06
CA GLU B 10 -4.32 -3.55 34.84
C GLU B 10 -3.40 -4.09 33.72
N PRO B 11 -2.09 -3.93 33.87
CA PRO B 11 -1.17 -4.42 32.83
C PRO B 11 -1.27 -5.89 32.46
N PHE B 12 -1.14 -6.16 31.16
CA PHE B 12 -1.12 -7.52 30.62
C PHE B 12 -2.44 -8.26 30.55
N THR B 13 -3.53 -7.61 30.94
CA THR B 13 -4.83 -8.24 30.85
C THR B 13 -5.08 -8.40 29.34
N LEU B 14 -6.03 -9.27 28.98
CA LEU B 14 -6.30 -9.58 27.57
C LEU B 14 -7.73 -9.43 27.10
N GLY B 15 -7.87 -8.93 25.87
CA GLY B 15 -9.16 -8.74 25.24
C GLY B 15 -9.02 -9.31 23.84
N ILE B 16 -9.81 -10.31 23.48
CA ILE B 16 -9.68 -10.93 22.16
C ILE B 16 -10.95 -10.85 21.33
N GLU B 17 -10.78 -10.59 20.04
CA GLU B 17 -11.88 -10.47 19.08
C GLU B 17 -11.55 -11.38 17.91
N LEU B 18 -12.52 -12.17 17.48
CA LEU B 18 -12.34 -13.07 16.35
C LEU B 18 -13.47 -12.77 15.42
N GLU B 19 -13.18 -12.44 14.18
CA GLU B 19 -14.25 -12.17 13.23
C GLU B 19 -14.43 -13.49 12.54
N GLN B 21 -16.53 -16.41 10.11
CA GLN B 21 -17.22 -16.53 8.86
C GLN B 21 -18.51 -17.33 9.04
N VAL B 22 -19.62 -16.75 8.60
CA VAL B 22 -20.92 -17.41 8.67
C VAL B 22 -21.24 -17.85 7.23
N VAL B 23 -21.14 -19.15 6.96
CA VAL B 23 -21.40 -19.70 5.64
C VAL B 23 -22.76 -20.40 5.53
N ASN B 24 -23.27 -20.52 4.31
CA ASN B 24 -24.59 -21.11 4.10
C ASN B 24 -24.60 -22.42 3.31
N PRO B 25 -24.87 -23.55 3.99
CA PRO B 25 -24.89 -24.84 3.28
C PRO B 25 -26.09 -24.88 2.34
N PRO B 26 -26.03 -25.72 1.28
CA PRO B 26 -24.94 -26.63 0.90
C PRO B 26 -23.90 -26.01 -0.05
N GLY B 27 -24.13 -24.77 -0.44
CA GLY B 27 -23.19 -24.09 -1.32
C GLY B 27 -22.01 -23.55 -0.52
N TYR B 28 -22.22 -23.22 0.75
CA TYR B 28 -21.17 -22.71 1.64
C TYR B 28 -20.55 -21.35 1.31
N ASP B 29 -21.35 -20.45 0.71
CA ASP B 29 -20.87 -19.12 0.40
C ASP B 29 -21.09 -18.28 1.66
N LEU B 30 -20.56 -17.05 1.68
CA LEU B 30 -20.75 -16.21 2.83
C LEU B 30 -22.24 -15.94 2.92
N SER B 31 -22.79 -16.10 4.11
CA SER B 31 -24.19 -15.89 4.36
C SER B 31 -24.55 -14.42 4.46
N GLN B 32 -25.83 -14.12 4.39
CA GLN B 32 -26.31 -12.75 4.52
C GLN B 32 -27.38 -12.81 5.61
N ASP B 33 -27.02 -13.42 6.74
CA ASP B 33 -27.93 -13.57 7.87
C ASP B 33 -27.25 -13.64 9.22
N SER B 34 -25.97 -13.28 9.32
CA SER B 34 -25.32 -13.36 10.62
C SER B 34 -26.03 -12.49 11.64
N SER B 35 -27.18 -11.92 11.24
CA SER B 35 -27.98 -11.07 12.10
C SER B 35 -28.98 -11.85 12.95
N LEU B 37 -28.79 -14.81 13.60
CA LEU B 37 -28.04 -15.76 14.40
C LEU B 37 -27.68 -15.01 15.69
N ILE B 38 -27.31 -13.75 15.53
CA ILE B 38 -26.93 -12.89 16.66
C ILE B 38 -28.13 -12.61 17.58
N ASP B 39 -29.27 -12.32 16.97
CA ASP B 39 -30.49 -12.06 17.72
C ASP B 39 -30.89 -13.34 18.45
N ALA B 40 -30.43 -14.48 17.94
CA ALA B 40 -30.72 -15.77 18.54
C ALA B 40 -29.84 -16.02 19.78
N VAL B 41 -28.76 -15.26 19.92
CA VAL B 41 -27.87 -15.42 21.06
C VAL B 41 -27.91 -14.22 21.99
N LYS B 42 -28.92 -13.38 21.84
CA LYS B 42 -29.04 -12.23 22.70
C LYS B 42 -29.30 -12.80 24.08
N ASN B 43 -28.56 -12.30 25.07
CA ASN B 43 -28.71 -12.75 26.45
C ASN B 43 -27.94 -14.01 26.80
N LYS B 44 -28.02 -15.02 25.94
CA LYS B 44 -27.36 -16.30 26.17
C LYS B 44 -25.89 -16.23 26.59
N ILE B 45 -25.16 -15.24 26.08
CA ILE B 45 -23.74 -15.12 26.41
C ILE B 45 -23.54 -14.72 27.87
N THR B 46 -22.88 -15.58 28.64
CA THR B 46 -22.63 -15.33 30.05
C THR B 46 -21.56 -14.28 30.28
N ALA B 47 -20.46 -14.39 29.54
CA ALA B 47 -19.35 -13.44 29.63
C ALA B 47 -18.84 -13.25 28.22
N GLY B 48 -18.43 -12.04 27.89
CA GLY B 48 -17.95 -11.79 26.53
C GLY B 48 -19.12 -11.21 25.76
N GLU B 49 -18.95 -11.05 24.45
CA GLU B 49 -20.01 -10.45 23.64
C GLU B 49 -19.96 -11.01 22.21
N VAL B 50 -21.13 -11.08 21.57
CA VAL B 50 -21.28 -11.59 20.20
C VAL B 50 -21.97 -10.53 19.32
N LYS B 51 -21.22 -9.95 18.39
CA LYS B 51 -21.75 -8.89 17.53
C LYS B 51 -21.46 -9.14 16.05
N HIS B 52 -22.07 -8.33 15.19
CA HIS B 52 -21.90 -8.44 13.74
C HIS B 52 -20.46 -8.63 13.27
N ILE B 54 -22.52 -4.61 11.06
CA ILE B 54 -21.43 -4.58 10.08
C ILE B 54 -21.17 -5.96 9.48
N THR B 55 -21.15 -6.03 8.15
CA THR B 55 -20.89 -7.27 7.42
C THR B 55 -21.82 -8.42 7.80
N GLU B 56 -22.89 -8.58 7.01
CA GLU B 56 -23.88 -9.63 7.24
C GLU B 56 -23.34 -11.05 7.14
N SER B 57 -22.08 -11.17 6.74
CA SER B 57 -21.44 -12.47 6.60
C SER B 57 -20.49 -12.70 7.76
N LEU B 59 -19.58 -12.66 12.04
CA LEU B 59 -19.99 -12.77 13.41
C LEU B 59 -18.71 -12.50 14.19
N GLU B 60 -18.75 -11.56 15.11
CA GLU B 60 -17.57 -11.27 15.90
C GLU B 60 -17.73 -11.78 17.30
N LEU B 61 -16.79 -12.59 17.75
CA LEU B 61 -16.78 -13.13 19.10
C LEU B 61 -15.74 -12.31 19.85
N ALA B 62 -16.15 -11.60 20.91
CA ALA B 62 -15.20 -10.80 21.69
C ALA B 62 -15.21 -11.24 23.15
N THR B 63 -14.04 -11.50 23.73
CA THR B 63 -14.04 -11.87 25.14
C THR B 63 -14.18 -10.56 25.90
N ASP B 64 -14.36 -10.65 27.21
CA ASP B 64 -14.40 -9.47 28.07
C ASP B 64 -12.92 -9.31 28.43
N VAL B 65 -12.59 -8.41 29.35
CA VAL B 65 -11.19 -8.26 29.73
C VAL B 65 -10.80 -9.42 30.63
N CYS B 66 -9.88 -10.24 30.13
CA CYS B 66 -9.43 -11.42 30.84
C CYS B 66 -8.08 -11.28 31.52
N ARG B 67 -7.91 -12.03 32.60
CA ARG B 67 -6.66 -11.96 33.34
C ARG B 67 -5.63 -12.91 32.76
N ASP B 68 -6.09 -14.03 32.19
CA ASP B 68 -5.19 -15.00 31.58
C ASP B 68 -5.88 -15.71 30.42
N ILE B 69 -5.10 -16.45 29.64
CA ILE B 69 -5.64 -17.17 28.48
C ILE B 69 -6.69 -18.22 28.84
N ASN B 70 -6.60 -18.83 30.02
CA ASN B 70 -7.59 -19.83 30.40
C ASN B 70 -8.96 -19.22 30.58
N GLN B 71 -9.01 -18.06 31.21
CA GLN B 71 -10.27 -17.39 31.37
C GLN B 71 -10.82 -17.11 29.97
N ALA B 72 -9.92 -16.81 29.04
CA ALA B 72 -10.29 -16.52 27.65
C ALA B 72 -10.78 -17.77 26.91
N ALA B 73 -10.07 -18.88 27.09
CA ALA B 73 -10.48 -20.12 26.45
C ALA B 73 -11.85 -20.46 27.00
N GLY B 74 -12.09 -20.07 28.23
CA GLY B 74 -13.37 -20.37 28.83
C GLY B 74 -14.50 -19.58 28.23
N GLN B 75 -14.30 -18.27 28.11
CA GLN B 75 -15.34 -17.43 27.55
C GLN B 75 -15.68 -17.78 26.11
N PHE B 76 -14.68 -18.15 25.31
CA PHE B 76 -14.91 -18.53 23.90
C PHE B 76 -15.62 -19.87 23.82
N SER B 77 -15.10 -20.88 24.52
CA SER B 77 -15.73 -22.20 24.48
C SER B 77 -17.24 -22.10 24.75
N ALA B 78 -17.64 -21.24 25.69
CA ALA B 78 -19.03 -21.07 26.01
C ALA B 78 -19.82 -20.31 24.94
N GLN B 80 -19.00 -20.31 21.90
CA GLN B 80 -18.97 -21.25 20.78
C GLN B 80 -20.14 -22.23 20.84
N LYS B 81 -20.40 -22.77 22.03
CA LYS B 81 -21.52 -23.70 22.17
C LYS B 81 -22.80 -22.98 21.82
N VAL B 82 -22.96 -21.76 22.33
CA VAL B 82 -24.17 -21.02 22.05
C VAL B 82 -24.28 -20.76 20.54
N VAL B 83 -23.26 -20.14 19.96
CA VAL B 83 -23.26 -19.85 18.53
C VAL B 83 -23.50 -21.09 17.67
N LEU B 84 -22.80 -22.18 17.97
CA LEU B 84 -22.96 -23.41 17.20
C LEU B 84 -24.39 -23.95 17.20
N GLN B 85 -25.13 -23.68 18.27
CA GLN B 85 -26.50 -24.15 18.37
C GLN B 85 -27.41 -23.18 17.60
N ALA B 86 -27.17 -21.89 17.73
CA ALA B 86 -27.99 -20.93 17.00
C ALA B 86 -27.77 -21.23 15.52
N ALA B 87 -26.52 -21.50 15.14
CA ALA B 87 -26.20 -21.81 13.75
C ALA B 87 -27.02 -23.00 13.30
N THR B 88 -26.97 -24.08 14.07
CA THR B 88 -27.69 -25.31 13.74
C THR B 88 -29.19 -25.08 13.55
N ASP B 89 -29.77 -24.20 14.34
CA ASP B 89 -31.20 -23.93 14.24
C ASP B 89 -31.54 -23.01 13.05
N HIS B 90 -30.54 -22.44 12.40
CA HIS B 90 -30.82 -21.58 11.27
C HIS B 90 -30.21 -22.14 10.00
N HIS B 91 -29.69 -23.35 10.13
CA HIS B 91 -29.08 -24.06 9.01
C HIS B 91 -27.89 -23.32 8.41
N LEU B 92 -27.10 -22.68 9.28
CA LEU B 92 -25.90 -21.98 8.86
C LEU B 92 -24.74 -22.70 9.54
N GLU B 93 -23.51 -22.37 9.16
CA GLU B 93 -22.34 -22.98 9.75
C GLU B 93 -21.29 -21.91 9.97
N ILE B 94 -20.34 -22.19 10.85
CA ILE B 94 -19.29 -21.23 11.20
C ILE B 94 -17.89 -21.77 10.97
N CYS B 95 -16.98 -20.93 10.48
CA CYS B 95 -15.60 -21.36 10.27
C CYS B 95 -14.67 -20.16 10.28
N GLY B 96 -13.39 -20.43 10.55
CA GLY B 96 -12.40 -19.36 10.57
C GLY B 96 -11.62 -19.26 9.26
N GLY B 97 -10.50 -18.55 9.30
CA GLY B 97 -9.68 -18.35 8.13
C GLY B 97 -9.73 -16.87 7.79
N GLY B 98 -8.63 -16.34 7.23
CA GLY B 98 -8.58 -14.91 6.92
C GLY B 98 -9.43 -14.45 5.76
N THR B 99 -9.70 -15.37 4.85
CA THR B 99 -10.50 -15.02 3.69
C THR B 99 -11.44 -16.17 3.44
N HIS B 100 -12.51 -15.92 2.69
CA HIS B 100 -13.41 -17.00 2.30
C HIS B 100 -12.75 -17.39 0.98
N PRO B 101 -12.41 -18.67 0.80
CA PRO B 101 -11.76 -19.10 -0.45
C PRO B 101 -12.33 -18.75 -1.82
N PHE B 102 -13.65 -18.73 -1.97
CA PHE B 102 -14.17 -18.46 -3.30
C PHE B 102 -15.18 -17.36 -3.40
N GLN B 103 -15.57 -16.79 -2.27
CA GLN B 103 -16.58 -15.71 -2.30
C GLN B 103 -16.11 -14.52 -3.15
N LYS B 104 -17.03 -13.94 -3.92
CA LYS B 104 -16.73 -12.77 -4.74
C LYS B 104 -17.56 -11.61 -4.26
N TRP B 105 -17.08 -10.39 -4.50
CA TRP B 105 -17.81 -9.22 -4.03
C TRP B 105 -19.15 -8.97 -4.71
N GLN B 106 -20.05 -8.28 -4.00
CA GLN B 106 -21.38 -7.94 -4.51
C GLN B 106 -21.69 -6.46 -4.30
N GLN B 117 -20.38 2.79 4.17
CA GLN B 117 -20.04 3.97 4.94
C GLN B 117 -19.49 5.08 4.05
N ARG B 118 -18.94 6.12 4.68
CA ARG B 118 -18.36 7.27 3.99
C ARG B 118 -17.06 6.83 3.32
N THR B 119 -16.80 5.53 3.41
CA THR B 119 -15.62 4.91 2.85
C THR B 119 -15.75 4.64 1.36
N LEU B 120 -16.98 4.39 0.91
CA LEU B 120 -17.20 4.10 -0.50
C LEU B 120 -16.88 5.31 -1.35
N GLU B 121 -17.45 6.43 -0.93
CA GLU B 121 -17.23 7.71 -1.58
C GLU B 121 -15.73 7.90 -1.81
N ASN B 122 -14.96 7.79 -0.73
CA ASN B 122 -13.53 7.99 -0.78
C ASN B 122 -12.73 6.93 -1.55
N PHE B 123 -12.93 5.65 -1.23
CA PHE B 123 -12.17 4.57 -1.85
C PHE B 123 -12.72 3.85 -3.07
N GLY B 124 -14.02 4.00 -3.32
CA GLY B 124 -14.66 3.35 -4.46
C GLY B 124 -14.42 1.87 -4.64
N TYR B 125 -13.88 1.49 -5.79
CA TYR B 125 -13.62 0.09 -6.12
C TYR B 125 -12.64 -0.62 -5.20
N LEU B 126 -11.82 0.14 -4.48
CA LEU B 126 -10.82 -0.48 -3.58
C LEU B 126 -11.41 -1.33 -2.46
N ILE B 127 -12.55 -0.91 -1.93
CA ILE B 127 -13.15 -1.66 -0.84
C ILE B 127 -14.21 -2.63 -1.36
N GLN B 128 -14.38 -2.67 -2.67
CA GLN B 128 -15.36 -3.58 -3.26
C GLN B 128 -14.70 -4.90 -3.68
N GLN B 129 -14.12 -5.56 -2.68
CA GLN B 129 -13.42 -6.83 -2.81
C GLN B 129 -14.18 -7.83 -1.95
N ALA B 130 -13.56 -8.95 -1.59
CA ALA B 130 -14.23 -9.94 -0.77
C ALA B 130 -13.98 -9.62 0.71
N THR B 131 -14.93 -9.99 1.58
CA THR B 131 -14.77 -9.75 3.00
C THR B 131 -13.56 -10.51 3.52
N VAL B 132 -12.79 -9.87 4.40
CA VAL B 132 -11.61 -10.47 5.01
C VAL B 132 -11.91 -10.59 6.52
N PHE B 133 -11.24 -11.51 7.21
CA PHE B 133 -11.53 -11.76 8.63
C PHE B 133 -10.29 -11.81 9.54
N GLY B 134 -10.24 -10.96 10.55
CA GLY B 134 -9.08 -11.02 11.41
C GLY B 134 -9.27 -11.28 12.89
N GLN B 135 -8.17 -11.67 13.54
CA GLN B 135 -8.18 -11.88 14.98
C GLN B 135 -7.52 -10.63 15.54
N HIS B 136 -8.13 -10.03 16.54
CA HIS B 136 -7.56 -8.83 17.15
C HIS B 136 -7.25 -9.16 18.60
N VAL B 137 -6.10 -8.68 19.08
CA VAL B 137 -5.72 -8.89 20.48
C VAL B 137 -5.36 -7.59 21.19
N HIS B 138 -6.08 -7.30 22.26
CA HIS B 138 -5.87 -6.10 23.07
C HIS B 138 -5.08 -6.46 24.33
N VAL B 139 -4.01 -5.71 24.60
CA VAL B 139 -3.19 -5.93 25.79
C VAL B 139 -3.21 -4.65 26.63
N GLY B 140 -3.78 -4.76 27.83
CA GLY B 140 -3.85 -3.59 28.69
C GLY B 140 -2.51 -3.14 29.23
N CYS B 141 -2.34 -1.82 29.36
CA CYS B 141 -1.13 -1.28 29.93
C CYS B 141 -1.50 -0.08 30.77
N ALA B 142 -0.57 0.37 31.61
CA ALA B 142 -0.85 1.44 32.56
C ALA B 142 -0.89 2.88 32.06
N SER B 143 -0.13 3.16 31.01
CA SER B 143 -0.13 4.53 30.51
C SER B 143 0.22 4.62 29.05
N GLY B 144 0.19 5.85 28.54
CA GLY B 144 0.51 6.11 27.14
C GLY B 144 1.96 5.81 26.81
N ASP B 145 2.89 6.20 27.67
CA ASP B 145 4.29 5.93 27.39
C ASP B 145 4.56 4.44 27.36
N ASP B 146 3.90 3.69 28.24
CA ASP B 146 4.06 2.25 28.30
C ASP B 146 3.45 1.66 27.03
N ALA B 147 2.31 2.20 26.62
CA ALA B 147 1.64 1.72 25.41
C ALA B 147 2.56 1.96 24.21
N ILE B 148 3.24 3.10 24.16
CA ILE B 148 4.14 3.33 23.03
C ILE B 148 5.32 2.36 23.06
N TYR B 149 5.92 2.15 24.23
CA TYR B 149 7.02 1.20 24.31
C TYR B 149 6.54 -0.20 23.91
N LEU B 150 5.37 -0.60 24.43
CA LEU B 150 4.82 -1.90 24.11
C LEU B 150 4.54 -2.04 22.60
N LEU B 151 3.99 -1.01 21.97
CA LEU B 151 3.71 -1.08 20.53
C LEU B 151 4.99 -1.28 19.70
N HIS B 152 6.04 -0.52 19.96
CA HIS B 152 7.29 -0.68 19.22
C HIS B 152 7.90 -2.07 19.44
N GLY B 153 7.76 -2.60 20.65
CA GLY B 153 8.30 -3.93 20.91
C GLY B 153 7.56 -4.95 20.06
N LEU B 154 6.23 -4.86 20.08
CA LEU B 154 5.39 -5.76 19.31
C LEU B 154 5.59 -5.60 17.78
N SER B 155 5.90 -4.39 17.33
CA SER B 155 6.13 -4.16 15.90
C SER B 155 7.29 -5.03 15.39
N ARG B 156 8.23 -5.36 16.27
CA ARG B 156 9.36 -6.18 15.87
C ARG B 156 8.96 -7.63 15.55
N PHE B 157 7.81 -8.07 16.04
CA PHE B 157 7.39 -9.45 15.78
C PHE B 157 6.16 -9.59 14.92
N VAL B 158 5.71 -8.47 14.36
CA VAL B 158 4.55 -8.48 13.49
C VAL B 158 4.73 -9.52 12.40
N PRO B 159 5.95 -9.65 11.84
CA PRO B 159 6.18 -10.65 10.79
C PRO B 159 5.92 -12.04 11.37
N HIS B 160 6.28 -12.23 12.64
CA HIS B 160 6.11 -13.52 13.32
C HIS B 160 4.65 -13.81 13.55
N PHE B 161 3.92 -12.81 14.04
CA PHE B 161 2.49 -12.99 14.27
C PHE B 161 1.77 -13.36 12.98
N ILE B 162 2.08 -12.68 11.88
CA ILE B 162 1.41 -12.96 10.61
C ILE B 162 1.69 -14.36 10.11
N ALA B 163 2.97 -14.74 10.18
CA ALA B 163 3.36 -16.04 9.71
C ALA B 163 2.73 -17.17 10.50
N LEU B 164 2.70 -17.03 11.83
CA LEU B 164 2.10 -18.07 12.68
C LEU B 164 0.60 -18.18 12.51
N SER B 165 -0.03 -17.06 12.14
CA SER B 165 -1.47 -17.01 11.95
C SER B 165 -1.94 -17.19 10.51
N ALA B 166 -1.01 -17.18 9.54
CA ALA B 166 -1.40 -17.27 8.13
C ALA B 166 -2.43 -18.33 7.81
N ALA B 167 -3.56 -17.90 7.22
CA ALA B 167 -4.64 -18.81 6.83
C ALA B 167 -5.58 -18.19 5.79
N SER B 168 -5.00 -17.58 4.76
CA SER B 168 -5.78 -16.96 3.68
C SER B 168 -5.03 -16.97 2.35
N PRO B 169 -4.72 -18.16 1.82
CA PRO B 169 -4.02 -18.30 0.53
C PRO B 169 -4.96 -18.01 -0.66
N TYR B 170 -6.24 -18.33 -0.49
CA TYR B 170 -7.25 -18.13 -1.54
C TYR B 170 -8.04 -16.85 -1.41
N GLN B 172 -11.30 -14.86 -3.67
CA GLN B 172 -12.23 -14.83 -4.78
C GLN B 172 -12.06 -15.98 -5.75
N GLY B 173 -11.80 -17.17 -5.23
CA GLY B 173 -11.68 -18.35 -6.08
C GLY B 173 -10.32 -18.63 -6.65
N THR B 174 -9.41 -17.69 -6.53
CA THR B 174 -8.07 -17.87 -7.08
C THR B 174 -7.00 -17.96 -6.00
N ASP B 175 -6.01 -18.80 -6.26
CA ASP B 175 -4.87 -18.98 -5.35
C ASP B 175 -3.94 -17.78 -5.54
N THR B 176 -3.84 -16.92 -4.53
CA THR B 176 -3.02 -15.71 -4.58
C THR B 176 -1.52 -15.97 -4.53
N ARG B 177 -1.15 -17.16 -4.06
CA ARG B 177 0.24 -17.56 -3.89
C ARG B 177 0.83 -17.08 -2.57
N PHE B 178 0.06 -16.27 -1.83
CA PHE B 178 0.50 -15.79 -0.51
C PHE B 178 0.04 -16.80 0.56
N ALA B 179 0.65 -16.74 1.73
CA ALA B 179 0.25 -17.61 2.85
C ALA B 179 -0.92 -16.88 3.50
N SER B 180 -0.73 -15.58 3.67
CA SER B 180 -1.74 -14.69 4.24
C SER B 180 -1.91 -13.48 3.32
N SER B 181 -2.98 -13.47 2.53
CA SER B 181 -3.25 -12.37 1.60
C SER B 181 -4.06 -11.26 2.26
N ARG B 182 -4.75 -11.58 3.36
CA ARG B 182 -5.56 -10.59 4.04
C ARG B 182 -4.83 -9.28 4.43
N PRO B 183 -3.57 -9.37 4.86
CA PRO B 183 -2.87 -8.13 5.25
C PRO B 183 -2.63 -7.10 4.14
N ASN B 184 -2.97 -7.44 2.89
CA ASN B 184 -2.78 -6.52 1.76
C ASN B 184 -4.04 -5.78 1.40
N ILE B 185 -5.19 -6.28 1.86
CA ILE B 185 -6.47 -5.68 1.54
C ILE B 185 -6.49 -4.16 1.71
N PHE B 186 -5.78 -3.64 2.71
CA PHE B 186 -5.76 -2.20 2.93
C PHE B 186 -4.53 -1.46 2.41
N SER B 187 -3.79 -2.08 1.50
CA SER B 187 -2.58 -1.45 0.98
C SER B 187 -2.80 -0.11 0.26
N ALA B 188 -4.02 0.17 -0.19
CA ALA B 188 -4.25 1.43 -0.89
C ALA B 188 -4.60 2.58 0.05
N PHE B 189 -5.00 2.26 1.28
CA PHE B 189 -5.34 3.30 2.24
C PHE B 189 -4.07 4.02 2.69
N PRO B 190 -4.17 5.32 2.94
CA PRO B 190 -3.00 6.08 3.38
C PRO B 190 -2.51 5.67 4.79
N ASP B 191 -3.37 5.05 5.58
CA ASP B 191 -2.95 4.72 6.94
C ASP B 191 -2.72 3.24 7.26
N ASN B 192 -2.33 2.45 6.27
CA ASN B 192 -2.10 1.04 6.53
C ASN B 192 -0.65 0.78 6.91
N GLY B 193 -0.34 -0.43 7.36
CA GLY B 193 1.03 -0.75 7.74
C GLY B 193 1.35 -0.30 9.16
N PRO B 194 2.61 0.08 9.44
CA PRO B 194 3.02 0.53 10.78
C PRO B 194 2.65 1.98 11.07
N PRO B 196 3.09 5.67 12.10
CA PRO B 196 4.27 6.53 11.89
C PRO B 196 5.02 6.60 13.22
N TRP B 197 6.33 6.79 13.16
CA TRP B 197 7.12 6.83 14.38
C TRP B 197 6.89 8.01 15.33
N VAL B 198 6.72 7.67 16.61
CA VAL B 198 6.57 8.61 17.73
C VAL B 198 7.32 7.89 18.87
N SER B 199 7.91 8.63 19.79
CA SER B 199 8.69 8.02 20.85
C SER B 199 7.96 7.91 22.20
N ASN B 200 6.90 8.69 22.38
CA ASN B 200 6.18 8.62 23.63
C ASN B 200 4.74 9.07 23.45
N TRP B 201 3.94 9.00 24.51
CA TRP B 201 2.55 9.39 24.37
C TRP B 201 2.36 10.84 23.92
N GLN B 202 3.17 11.74 24.44
CA GLN B 202 3.03 13.14 24.07
C GLN B 202 3.12 13.33 22.56
N GLN B 203 4.10 12.68 21.94
CA GLN B 203 4.27 12.81 20.50
C GLN B 203 3.16 12.10 19.76
N PHE B 204 2.57 11.07 20.37
CA PHE B 204 1.49 10.36 19.70
C PHE B 204 0.28 11.26 19.55
N GLU B 205 0.02 12.06 20.58
CA GLU B 205 -1.11 12.98 20.53
C GLU B 205 -0.86 13.99 19.42
N ALA B 206 0.39 14.40 19.26
CA ALA B 206 0.74 15.34 18.20
C ALA B 206 0.54 14.64 16.86
N LEU B 207 0.86 13.36 16.81
CA LEU B 207 0.67 12.62 15.59
C LEU B 207 -0.84 12.58 15.29
N PHE B 208 -1.64 12.05 16.21
CA PHE B 208 -3.08 11.99 15.98
C PHE B 208 -3.71 13.36 15.64
N ARG B 209 -3.22 14.43 16.26
CA ARG B 209 -3.75 15.76 15.97
C ARG B 209 -3.53 16.05 14.48
N CYS B 210 -2.34 15.73 14.00
CA CYS B 210 -1.97 15.94 12.59
C CYS B 210 -2.84 15.14 11.62
N LEU B 211 -2.93 13.84 11.88
CA LEU B 211 -3.73 12.93 11.06
C LEU B 211 -5.21 13.28 11.02
N SER B 212 -5.75 13.70 12.16
CA SER B 212 -7.18 14.01 12.22
C SER B 212 -7.52 15.27 11.44
N TYR B 213 -6.51 16.03 11.02
CA TYR B 213 -6.75 17.24 10.23
C TYR B 213 -7.36 16.81 8.90
N THR B 214 -7.17 15.53 8.54
CA THR B 214 -7.72 14.99 7.29
C THR B 214 -9.13 14.44 7.53
N THR B 215 -9.90 14.38 6.44
CA THR B 215 -11.29 13.95 6.50
C THR B 215 -11.63 12.54 6.98
N ILE B 217 -10.23 10.55 9.16
CA ILE B 217 -9.99 10.10 10.53
C ILE B 217 -10.32 11.10 11.64
N ASP B 218 -11.21 10.70 12.55
CA ASP B 218 -11.58 11.57 13.68
C ASP B 218 -11.37 10.78 14.95
N SER B 219 -11.11 9.48 14.82
CA SER B 219 -10.94 8.63 15.99
C SER B 219 -9.89 7.56 15.80
N ILE B 220 -9.49 6.95 16.90
CA ILE B 220 -8.51 5.87 16.88
C ILE B 220 -9.03 4.74 15.97
N LYS B 221 -10.34 4.51 15.97
CA LYS B 221 -10.97 3.45 15.16
C LYS B 221 -10.91 3.61 13.64
N ASP B 222 -10.58 4.80 13.13
CA ASP B 222 -10.52 5.01 11.68
C ASP B 222 -9.14 4.66 11.12
N LEU B 223 -8.19 4.37 12.02
CA LEU B 223 -6.82 4.04 11.65
C LEU B 223 -6.67 2.57 11.34
N HIS B 224 -6.05 2.27 10.22
CA HIS B 224 -5.84 0.90 9.79
C HIS B 224 -4.46 0.34 10.13
N TRP B 225 -3.78 0.91 11.12
CA TRP B 225 -2.45 0.42 11.50
C TRP B 225 -2.46 -1.04 11.94
N ASP B 226 -1.31 -1.70 11.79
CA ASP B 226 -1.13 -3.09 12.17
C ASP B 226 -1.30 -3.26 13.70
N ILE B 227 -0.79 -2.28 14.44
CA ILE B 227 -0.85 -2.25 15.89
C ILE B 227 -1.27 -0.83 16.19
N ARG B 228 -2.29 -0.69 17.04
CA ARG B 228 -2.88 0.61 17.32
C ARG B 228 -3.12 0.86 18.81
N PRO B 229 -2.71 2.02 19.35
CA PRO B 229 -2.97 2.21 20.77
C PRO B 229 -4.40 2.70 20.99
N SER B 230 -4.98 2.36 22.13
CA SER B 230 -6.34 2.79 22.46
C SER B 230 -6.34 3.47 23.81
N PRO B 231 -6.39 4.81 23.82
CA PRO B 231 -6.40 5.51 25.10
C PRO B 231 -7.72 5.25 25.81
N HIS B 232 -8.76 4.98 25.04
CA HIS B 232 -10.06 4.75 25.64
C HIS B 232 -10.13 3.46 26.45
N PHE B 233 -9.58 2.37 25.92
CA PHE B 233 -9.60 1.09 26.65
C PHE B 233 -8.36 0.89 27.49
N GLY B 234 -7.33 1.69 27.23
CA GLY B 234 -6.08 1.59 27.95
C GLY B 234 -5.36 0.34 27.48
N THR B 235 -5.27 0.19 26.16
CA THR B 235 -4.65 -0.99 25.57
C THR B 235 -3.84 -0.71 24.31
N VAL B 236 -3.03 -1.70 23.93
CA VAL B 236 -2.27 -1.66 22.68
C VAL B 236 -2.92 -2.82 21.90
N GLU B 237 -3.48 -2.55 20.73
CA GLU B 237 -4.18 -3.58 19.96
C GLU B 237 -3.49 -4.14 18.71
N VAL B 238 -3.12 -5.42 18.73
CA VAL B 238 -2.50 -6.03 17.56
C VAL B 238 -3.63 -6.49 16.64
N ARG B 239 -3.61 -6.02 15.39
CA ARG B 239 -4.64 -6.34 14.42
C ARG B 239 -4.11 -6.87 13.10
N VAL B 240 -3.06 -7.69 13.10
CA VAL B 240 -2.53 -8.14 11.81
C VAL B 240 -2.88 -9.57 11.43
N ASP B 242 -4.81 -13.21 10.70
CA ASP B 242 -5.96 -13.80 10.03
C ASP B 242 -6.70 -14.56 11.14
N THR B 243 -8.02 -14.70 11.02
CA THR B 243 -8.78 -15.48 12.01
C THR B 243 -8.38 -16.95 11.76
N PRO B 244 -7.88 -17.65 12.80
CA PRO B 244 -7.45 -19.06 12.72
C PRO B 244 -8.60 -20.02 12.49
N LEU B 245 -8.27 -21.26 12.13
CA LEU B 245 -9.28 -22.29 11.87
C LEU B 245 -9.91 -22.82 13.15
N THR B 246 -9.23 -22.64 14.28
CA THR B 246 -9.70 -23.11 15.58
C THR B 246 -9.63 -22.05 16.69
N LEU B 247 -10.32 -22.33 17.79
CA LEU B 247 -10.29 -21.42 18.94
C LEU B 247 -9.00 -21.64 19.73
N SER B 248 -8.50 -22.88 19.74
CA SER B 248 -7.28 -23.12 20.48
C SER B 248 -6.19 -22.26 19.86
N HIS B 249 -6.11 -22.22 18.54
CA HIS B 249 -5.05 -21.41 17.97
C HIS B 249 -5.27 -19.95 18.26
N ALA B 250 -6.52 -19.53 18.24
CA ALA B 250 -6.81 -18.13 18.51
C ALA B 250 -6.31 -17.81 19.93
N VAL B 251 -6.58 -18.71 20.87
CA VAL B 251 -6.17 -18.54 22.27
C VAL B 251 -4.66 -18.58 22.42
N ASN B 252 -4.01 -19.48 21.67
CA ASN B 252 -2.57 -19.57 21.73
C ASN B 252 -1.87 -18.34 21.15
N ALA B 254 -3.06 -15.38 21.32
CA ALA B 254 -3.25 -14.32 22.33
C ALA B 254 -2.22 -14.47 23.46
N GLY B 255 -1.92 -15.70 23.82
CA GLY B 255 -0.97 -15.96 24.89
C GLY B 255 0.42 -15.56 24.47
N LEU B 256 0.75 -15.76 23.20
CA LEU B 256 2.06 -15.37 22.70
C LEU B 256 2.18 -13.86 22.84
N ILE B 257 1.16 -13.16 22.37
CA ILE B 257 1.19 -11.71 22.42
C ILE B 257 1.23 -11.24 23.86
N GLN B 258 0.48 -11.92 24.74
CA GLN B 258 0.47 -11.53 26.14
C GLN B 258 1.85 -11.79 26.74
N ALA B 259 2.42 -12.96 26.46
CA ALA B 259 3.73 -13.26 27.03
C ALA B 259 4.78 -12.27 26.52
N THR B 260 4.69 -11.91 25.25
CA THR B 260 5.67 -10.98 24.70
C THR B 260 5.47 -9.59 25.31
N ALA B 261 4.21 -9.21 25.53
CA ALA B 261 3.94 -7.91 26.13
C ALA B 261 4.56 -7.86 27.54
N HIS B 262 4.43 -8.95 28.28
CA HIS B 262 4.97 -9.02 29.64
C HIS B 262 6.49 -8.90 29.65
N TRP B 263 7.13 -9.60 28.74
CA TRP B 263 8.58 -9.58 28.58
C TRP B 263 9.06 -8.17 28.22
N LEU B 264 8.38 -7.56 27.24
CA LEU B 264 8.71 -6.21 26.79
C LEU B 264 8.61 -5.15 27.88
N LEU B 265 7.46 -5.04 28.53
CA LEU B 265 7.32 -4.01 29.55
C LEU B 265 8.06 -4.29 30.88
N THR B 266 8.31 -5.55 31.22
CA THR B 266 8.99 -5.78 32.48
C THR B 266 10.50 -5.79 32.33
N GLU B 267 10.99 -6.37 31.25
CA GLU B 267 12.43 -6.43 31.02
C GLU B 267 12.98 -5.26 30.19
N ARG B 268 12.11 -4.55 29.47
CA ARG B 268 12.55 -3.42 28.62
C ARG B 268 13.84 -3.82 27.93
N PRO B 269 13.81 -4.88 27.12
CA PRO B 269 14.95 -5.43 26.36
C PRO B 269 15.43 -4.65 25.14
N PHE B 270 14.61 -3.77 24.58
CA PHE B 270 15.04 -3.00 23.41
C PHE B 270 15.05 -1.53 23.73
N LYS B 271 15.89 -0.82 22.98
CA LYS B 271 15.99 0.62 23.07
C LYS B 271 15.41 0.97 21.70
N HIS B 272 14.17 1.45 21.67
CA HIS B 272 13.50 1.77 20.42
C HIS B 272 14.00 3.01 19.71
N GLN B 273 14.17 2.91 18.40
CA GLN B 273 14.59 4.03 17.55
C GLN B 273 13.88 3.88 16.21
N GLU B 274 13.65 4.99 15.50
CA GLU B 274 12.95 4.90 14.22
C GLU B 274 13.62 3.94 13.25
N LYS B 275 14.93 3.88 13.25
CA LYS B 275 15.62 2.98 12.32
C LYS B 275 15.20 1.52 12.48
N ASP B 276 14.59 1.17 13.61
CA ASP B 276 14.17 -0.22 13.81
C ASP B 276 13.13 -0.67 12.78
N TYR B 277 12.32 0.28 12.31
CA TYR B 277 11.25 0.00 11.35
C TYR B 277 11.67 0.01 9.89
N LEU B 278 12.94 0.35 9.64
CA LEU B 278 13.46 0.45 8.28
C LEU B 278 13.06 -0.66 7.32
N LEU B 279 13.16 -1.91 7.75
CA LEU B 279 12.79 -3.02 6.87
C LEU B 279 11.44 -3.62 7.24
N TYR B 280 10.65 -2.88 8.02
CA TYR B 280 9.35 -3.39 8.45
C TYR B 280 8.48 -3.92 7.30
N LYS B 281 8.34 -3.16 6.22
CA LYS B 281 7.49 -3.60 5.11
C LYS B 281 8.03 -4.80 4.32
N PHE B 282 9.35 -4.90 4.20
CA PHE B 282 9.97 -6.02 3.49
C PHE B 282 9.76 -7.30 4.30
N ASN B 283 10.02 -7.23 5.61
CA ASN B 283 9.83 -8.37 6.50
C ASN B 283 8.33 -8.74 6.59
N ARG B 284 7.47 -7.74 6.55
CA ARG B 284 6.01 -7.98 6.62
C ARG B 284 5.61 -8.73 5.35
N PHE B 285 6.15 -8.29 4.22
CA PHE B 285 5.86 -8.96 2.96
C PHE B 285 6.36 -10.42 2.95
N GLN B 286 7.51 -10.69 3.54
CA GLN B 286 8.00 -12.06 3.56
C GLN B 286 7.07 -12.98 4.33
N ALA B 287 6.46 -12.45 5.39
CA ALA B 287 5.57 -13.25 6.21
C ALA B 287 4.30 -13.57 5.44
N CYS B 288 3.74 -12.54 4.85
CA CYS B 288 2.51 -12.67 4.09
C CYS B 288 2.64 -13.65 2.95
N ARG B 289 3.73 -13.54 2.21
CA ARG B 289 3.98 -14.38 1.06
C ARG B 289 4.42 -15.80 1.34
N TYR B 290 5.36 -15.98 2.27
CA TYR B 290 5.86 -17.32 2.53
C TYR B 290 5.57 -17.91 3.90
N GLY B 291 4.78 -17.24 4.72
CA GLY B 291 4.50 -17.79 6.04
C GLY B 291 5.78 -17.91 6.86
N LEU B 292 5.91 -19.01 7.60
CA LEU B 292 7.10 -19.19 8.43
C LEU B 292 8.34 -19.47 7.62
N GLU B 293 8.18 -19.65 6.31
CA GLU B 293 9.34 -19.90 5.44
C GLU B 293 9.91 -18.56 5.01
N GLY B 294 9.28 -17.49 5.45
CA GLY B 294 9.76 -16.17 5.07
C GLY B 294 11.07 -15.92 5.75
N VAL B 295 11.89 -15.02 5.18
CA VAL B 295 13.16 -14.66 5.78
C VAL B 295 13.04 -13.28 6.39
N ILE B 296 13.56 -13.11 7.60
CA ILE B 296 13.51 -11.82 8.28
C ILE B 296 14.91 -11.22 8.27
N THR B 297 15.00 -9.93 7.95
CA THR B 297 16.27 -9.22 7.87
C THR B 297 16.38 -8.08 8.88
N ASP B 298 17.46 -8.08 9.66
CA ASP B 298 17.68 -7.02 10.62
C ASP B 298 18.26 -5.82 9.86
N PRO B 299 17.67 -4.63 10.05
CA PRO B 299 18.08 -3.37 9.40
C PRO B 299 19.42 -2.85 9.90
N HIS B 300 19.79 -3.26 11.11
CA HIS B 300 21.04 -2.82 11.71
C HIS B 300 22.22 -3.69 11.29
N THR B 301 22.13 -4.99 11.57
CA THR B 301 23.22 -5.90 11.23
C THR B 301 23.14 -6.46 9.83
N GLY B 302 21.94 -6.59 9.29
CA GLY B 302 21.80 -7.16 7.96
C GLY B 302 21.63 -8.66 8.05
N ASP B 303 21.55 -9.18 9.27
CA ASP B 303 21.37 -10.62 9.48
C ASP B 303 20.05 -11.09 8.88
N ARG B 304 20.09 -12.22 8.19
CA ARG B 304 18.91 -12.80 7.59
C ARG B 304 18.71 -14.21 8.16
N ARG B 305 17.47 -14.53 8.49
CA ARG B 305 17.16 -15.84 9.03
C ARG B 305 15.68 -16.11 8.79
N PRO B 306 15.33 -17.38 8.55
CA PRO B 306 13.92 -17.69 8.31
C PRO B 306 13.11 -17.46 9.57
N LEU B 307 11.82 -17.13 9.40
CA LEU B 307 10.94 -16.89 10.53
C LEU B 307 10.78 -18.07 11.48
N THR B 308 11.04 -19.28 10.99
CA THR B 308 10.95 -20.48 11.83
C THR B 308 11.97 -20.30 12.94
N GLU B 309 13.21 -20.07 12.52
CA GLU B 309 14.33 -19.89 13.43
C GLU B 309 14.15 -18.65 14.31
N ASP B 310 13.65 -17.56 13.75
CA ASP B 310 13.52 -16.37 14.57
C ASP B 310 12.41 -16.52 15.58
N THR B 311 11.35 -17.23 15.20
CA THR B 311 10.22 -17.43 16.09
C THR B 311 10.63 -18.29 17.31
N LEU B 312 11.54 -19.23 17.10
CA LEU B 312 12.00 -20.06 18.21
C LEU B 312 12.83 -19.20 19.17
N ARG B 313 13.56 -18.21 18.67
CA ARG B 313 14.34 -17.36 19.56
C ARG B 313 13.35 -16.54 20.38
N LEU B 314 12.24 -16.16 19.75
CA LEU B 314 11.23 -15.36 20.46
C LEU B 314 10.63 -16.20 21.55
N LEU B 315 10.21 -17.41 21.20
CA LEU B 315 9.62 -18.31 22.19
C LEU B 315 10.54 -18.52 23.40
N GLU B 316 11.85 -18.55 23.18
CA GLU B 316 12.77 -18.74 24.30
C GLU B 316 12.78 -17.54 25.25
N LYS B 317 12.98 -16.35 24.69
CA LYS B 317 12.99 -15.13 25.49
C LYS B 317 11.70 -14.89 26.30
N ILE B 318 10.55 -15.33 25.77
CA ILE B 318 9.30 -15.10 26.47
C ILE B 318 8.79 -16.27 27.32
N ALA B 319 9.57 -17.35 27.43
CA ALA B 319 9.14 -18.51 28.23
C ALA B 319 8.89 -18.15 29.70
N PRO B 320 9.85 -17.46 30.35
CA PRO B 320 9.68 -17.07 31.77
C PRO B 320 8.45 -16.19 32.00
N SER B 321 8.32 -15.14 31.20
CA SER B 321 7.16 -14.26 31.31
C SER B 321 5.89 -15.09 31.12
N ALA B 322 5.93 -16.06 30.21
CA ALA B 322 4.75 -16.88 29.93
C ALA B 322 4.36 -17.75 31.15
N HIS B 323 5.37 -18.25 31.84
CA HIS B 323 5.17 -19.06 33.03
C HIS B 323 4.48 -18.27 34.14
N LYS B 324 4.97 -17.07 34.40
CA LYS B 324 4.38 -16.24 35.45
C LYS B 324 2.94 -15.82 35.16
N ILE B 325 2.60 -15.58 33.89
CA ILE B 325 1.24 -15.16 33.58
C ILE B 325 0.30 -16.30 33.22
N GLY B 326 0.82 -17.53 33.25
CA GLY B 326 0.00 -18.70 32.94
C GLY B 326 -0.29 -19.00 31.48
N ALA B 327 0.69 -18.79 30.61
CA ALA B 327 0.54 -19.00 29.17
C ALA B 327 1.55 -19.95 28.59
N SER B 328 2.14 -20.81 29.41
CA SER B 328 3.14 -21.76 28.91
C SER B 328 2.56 -22.73 27.89
N SER B 329 1.28 -23.04 28.03
CA SER B 329 0.62 -23.96 27.12
C SER B 329 0.60 -23.38 25.74
N ALA B 330 0.36 -22.07 25.68
CA ALA B 330 0.31 -21.36 24.42
C ALA B 330 1.64 -21.49 23.72
N ILE B 331 2.69 -21.15 24.47
CA ILE B 331 4.06 -21.16 24.00
C ILE B 331 4.52 -22.54 23.55
N GLU B 332 4.15 -23.58 24.29
CA GLU B 332 4.55 -24.95 23.94
C GLU B 332 3.82 -25.40 22.69
N ALA B 333 2.52 -25.11 22.63
CA ALA B 333 1.78 -25.49 21.43
C ALA B 333 2.42 -24.76 20.22
N LEU B 334 2.73 -23.47 20.38
CA LEU B 334 3.32 -22.70 19.28
C LEU B 334 4.68 -23.27 18.87
N HIS B 335 5.44 -23.74 19.85
CA HIS B 335 6.75 -24.34 19.60
C HIS B 335 6.61 -25.63 18.77
N ARG B 336 5.61 -26.45 19.09
CA ARG B 336 5.39 -27.67 18.32
C ARG B 336 5.04 -27.32 16.89
N GLN B 337 4.17 -26.32 16.72
CA GLN B 337 3.75 -25.86 15.41
C GLN B 337 4.95 -25.45 14.57
N VAL B 338 5.79 -24.61 15.14
CA VAL B 338 6.96 -24.12 14.46
C VAL B 338 7.87 -25.23 13.94
N VAL B 339 8.12 -26.23 14.77
CA VAL B 339 9.01 -27.30 14.36
C VAL B 339 8.28 -28.40 13.62
N SER B 340 6.97 -28.25 13.45
CA SER B 340 6.18 -29.28 12.75
C SER B 340 6.38 -29.23 11.25
N GLY B 341 6.80 -28.09 10.73
CA GLY B 341 7.02 -27.95 9.29
C GLY B 341 5.73 -28.02 8.48
N LEU B 342 4.61 -27.70 9.10
CA LEU B 342 3.31 -27.72 8.44
C LEU B 342 2.62 -26.38 8.68
N ASN B 343 1.83 -25.92 7.71
CA ASN B 343 1.11 -24.66 7.83
C ASN B 343 -0.27 -24.74 7.17
N GLU B 344 -1.26 -24.07 7.77
CA GLU B 344 -2.62 -24.10 7.26
C GLU B 344 -2.69 -23.85 5.75
N ALA B 345 -1.94 -22.88 5.26
CA ALA B 345 -1.97 -22.55 3.84
C ALA B 345 -1.60 -23.75 2.96
N GLN B 346 -0.53 -24.46 3.30
CA GLN B 346 -0.12 -25.61 2.50
C GLN B 346 -1.15 -26.74 2.65
N LEU B 347 -1.70 -26.91 3.85
CA LEU B 347 -2.71 -27.94 4.02
C LEU B 347 -3.94 -27.66 3.15
N ARG B 349 -3.75 -26.02 0.33
CA ARG B 349 -3.27 -26.22 -1.03
C ARG B 349 -3.17 -27.70 -1.39
N ASP B 350 -2.80 -28.53 -0.42
CA ASP B 350 -2.70 -29.97 -0.65
C ASP B 350 -4.10 -30.52 -0.87
N PHE B 351 -5.05 -30.03 -0.09
CA PHE B 351 -6.43 -30.48 -0.19
C PHE B 351 -6.87 -30.30 -1.65
N VAL B 352 -6.71 -29.08 -2.15
CA VAL B 352 -7.09 -28.77 -3.52
C VAL B 352 -6.23 -29.54 -4.52
N ALA B 353 -4.95 -29.74 -4.22
CA ALA B 353 -4.08 -30.46 -5.14
C ALA B 353 -4.49 -31.91 -5.30
N ASP B 354 -5.14 -32.45 -4.27
CA ASP B 354 -5.61 -33.84 -4.22
C ASP B 354 -6.98 -34.07 -4.85
N GLY B 355 -7.60 -33.04 -5.40
CA GLY B 355 -8.90 -33.22 -6.02
C GLY B 355 -10.03 -32.45 -5.34
N GLY B 356 -9.81 -32.01 -4.11
CA GLY B 356 -10.85 -31.28 -3.39
C GLY B 356 -11.28 -29.96 -4.02
N SER B 357 -12.50 -29.54 -3.72
CA SER B 357 -13.05 -28.29 -4.23
C SER B 357 -12.95 -27.23 -3.13
N LEU B 358 -13.10 -25.96 -3.49
CA LEU B 358 -13.01 -24.91 -2.51
C LEU B 358 -14.21 -25.07 -1.62
N ILE B 359 -15.31 -25.54 -2.20
CA ILE B 359 -16.53 -25.74 -1.41
C ILE B 359 -16.28 -26.81 -0.37
N GLY B 360 -15.63 -27.90 -0.79
CA GLY B 360 -15.33 -28.95 0.16
C GLY B 360 -14.45 -28.37 1.24
N LEU B 361 -13.47 -27.56 0.84
CA LEU B 361 -12.55 -26.95 1.80
C LEU B 361 -13.22 -26.15 2.89
N VAL B 362 -14.25 -25.39 2.54
CA VAL B 362 -14.95 -24.58 3.54
C VAL B 362 -15.73 -25.48 4.49
N LYS B 363 -16.39 -26.48 3.92
CA LYS B 363 -17.16 -27.44 4.70
C LYS B 363 -16.21 -28.04 5.74
N LYS B 364 -15.02 -28.41 5.29
CA LYS B 364 -14.03 -28.99 6.19
C LYS B 364 -13.61 -28.01 7.30
N HIS B 365 -13.54 -26.72 6.97
CA HIS B 365 -13.15 -25.73 7.96
C HIS B 365 -14.24 -25.47 9.00
N CYS B 366 -15.47 -25.77 8.64
CA CYS B 366 -16.59 -25.61 9.57
C CYS B 366 -16.53 -26.77 10.58
N GLU B 367 -16.17 -27.96 10.10
CA GLU B 367 -16.07 -29.13 10.96
C GLU B 367 -14.90 -28.96 11.92
N ILE B 368 -13.86 -28.27 11.49
CA ILE B 368 -12.69 -28.05 12.31
C ILE B 368 -12.99 -27.08 13.45
N TRP B 369 -13.77 -26.04 13.17
CA TRP B 369 -14.06 -25.05 14.17
C TRP B 369 -14.99 -25.56 15.26
N ALA B 370 -15.89 -26.45 14.86
CA ALA B 370 -16.90 -27.03 15.74
C ALA B 370 -16.40 -28.00 16.82
#